data_8TQA
#
_entry.id   8TQA
#
_cell.length_a   71.387
_cell.length_b   70.185
_cell.length_c   94.340
_cell.angle_alpha   90.000
_cell.angle_beta   98.000
_cell.angle_gamma   90.000
#
_symmetry.space_group_name_H-M   'P 1 21 1'
#
loop_
_entity.id
_entity.type
_entity.pdbx_description
1 polymer 'H-2 class I histocompatibility antigen, D-B alpha chain'
2 polymer Beta-2-microglobulin
3 polymer 'Fab.28.14S Heavy chain'
4 polymer 'Fab.28.14S Light Chain'
5 polymer 'influenza peptide'
6 non-polymer GLYCEROL
7 non-polymer 1,2-ETHANEDIOL
8 non-polymer 2-acetamido-2-deoxy-beta-D-glucopyranose
9 water water
#
loop_
_entity_poly.entity_id
_entity_poly.type
_entity_poly.pdbx_seq_one_letter_code
_entity_poly.pdbx_strand_id
1 'polypeptide(L)'
;PHSMRYFETAVSRPGLEEPRYISVGYVDNKEFVRFDSDAENPRYEPRAPWMEQEGPEYWERETQKAKGQEQWFRVSLRNL
LGYYNQSAGGSHTLQQMSGCDLGSDWRLLRGYLQFAYEGRDYIALNEDLKTWTAADMAAQITRRKWEQSGAAEHYKAYLE
GECVEWLHRYLKNGNATLLRTDSPKAHVTHHPRSKGEVTLRCWALGFYPADITLTWQLNGEELTQDMELVETRPAGDGTF
QKWASVVVPLGKEQNYTCRVYHEGLPEPLTLRW
;
A
2 'polypeptide(L)'
;IQKTPQIQVYSRHPPENGKPNILNCYVTQFHPPHIEIQMLKNGKKIPKVEMSDMSFSKDWSFYILAHTEFTPTETDTYAC
RVKHASMAEPKTVYWDRDM
;
B
3 'polypeptide(L)'
;SVQLQQSGAELAKPGASVKMSCKASGYNFTTYWMHWVRQRPGQGLEWIGYINPSSGYTEFNQKFKGKATLTADKSSNTAY
IQLTSLTSDDSAIYYCARSFYYFDYWGQGTTLTVSSAKTTAPSVYPLAPVCGDTTGSSVTLGCLVKGYFPEPVTLTWNSG
SLSSGVHTFPAVLQSDLYTLSSSVTVTSSTWPSQSITCNVAHPASSTKVDKKIEPVG
;
H
4 'polypeptide(L)'
;LISMTQTPSSLSASLGDRVTISCRASQDISNYLNWYQQKPDGPVKLLIYYTSRLHSGVPSRFSGSGSGTDYSLTISNLEQ
EDIATYFCQQGNTFPWTFGGGTKLEIKRADAAPTVSIFPPSSEQLTSGGASVVCFLNNFYPKDINVKWKIDGSERQNGVL
NSWTDQDSKDSTYSMSSTLTLTKDEYERHNSYTCEATHKTSTSPIVKSFNRNEC
;
L
5 'polypeptide(L)' ASNENMETM P
#
# COMPACT_ATOMS: atom_id res chain seq x y z
N PRO A 1 -16.08 8.31 3.37
CA PRO A 1 -16.26 6.97 3.92
C PRO A 1 -17.68 6.47 3.83
N HIS A 2 -18.46 6.89 2.82
CA HIS A 2 -19.74 6.25 2.62
C HIS A 2 -20.04 6.10 1.14
N SER A 3 -20.82 5.07 0.80
CA SER A 3 -21.04 4.74 -0.61
C SER A 3 -22.50 4.39 -0.89
N MET A 4 -22.91 4.67 -2.10
CA MET A 4 -24.17 4.18 -2.64
C MET A 4 -23.90 3.60 -4.02
N ARG A 5 -24.36 2.37 -4.25
CA ARG A 5 -24.23 1.73 -5.55
C ARG A 5 -25.60 1.25 -6.03
N TYR A 6 -25.78 1.22 -7.34
CA TYR A 6 -26.90 0.55 -7.99
C TYR A 6 -26.31 -0.49 -8.94
N PHE A 7 -26.77 -1.72 -8.81
CA PHE A 7 -26.37 -2.85 -9.64
C PHE A 7 -27.58 -3.21 -10.47
N GLU A 8 -27.42 -3.16 -11.78
CA GLU A 8 -28.51 -3.37 -12.71
C GLU A 8 -28.16 -4.52 -13.63
N THR A 9 -29.14 -5.37 -13.91
CA THR A 9 -29.00 -6.49 -14.83
C THR A 9 -30.15 -6.46 -15.82
N ALA A 10 -29.86 -6.60 -17.10
CA ALA A 10 -30.88 -6.81 -18.12
C ALA A 10 -30.57 -8.09 -18.87
N VAL A 11 -31.57 -8.96 -18.98
CA VAL A 11 -31.42 -10.29 -19.56
C VAL A 11 -32.42 -10.42 -20.70
N SER A 12 -31.92 -10.39 -21.92
CA SER A 12 -32.77 -10.60 -23.08
C SER A 12 -33.02 -12.10 -23.23
N ARG A 13 -34.30 -12.45 -23.30
CA ARG A 13 -34.87 -13.78 -23.23
C ARG A 13 -35.45 -14.22 -24.57
N PRO A 14 -35.15 -15.42 -25.05
CA PRO A 14 -35.68 -15.87 -26.35
C PRO A 14 -37.20 -15.98 -26.32
N GLY A 15 -37.85 -15.25 -27.21
CA GLY A 15 -39.29 -15.07 -27.14
C GLY A 15 -39.65 -13.87 -26.30
N LEU A 16 -40.67 -13.12 -26.74
CA LEU A 16 -41.12 -11.89 -26.09
C LEU A 16 -40.04 -10.84 -26.11
N GLU A 17 -40.30 -9.74 -26.83
CA GLU A 17 -39.39 -8.61 -27.04
C GLU A 17 -39.07 -7.83 -25.77
N GLU A 18 -39.62 -8.22 -24.61
CA GLU A 18 -39.26 -7.59 -23.34
C GLU A 18 -38.19 -8.41 -22.63
N PRO A 19 -37.05 -7.81 -22.30
CA PRO A 19 -36.07 -8.49 -21.47
C PRO A 19 -36.35 -8.21 -20.00
N ARG A 20 -35.78 -9.09 -19.15
CA ARG A 20 -35.93 -8.94 -17.71
C ARG A 20 -34.94 -7.92 -17.16
N TYR A 21 -35.41 -7.05 -16.25
CA TYR A 21 -34.60 -5.97 -15.70
C TYR A 21 -34.67 -6.00 -14.18
N ILE A 22 -33.51 -6.14 -13.54
CA ILE A 22 -33.41 -6.11 -12.08
C ILE A 22 -32.50 -4.96 -11.70
N SER A 23 -32.89 -4.21 -10.68
CA SER A 23 -32.05 -3.17 -10.12
C SER A 23 -31.98 -3.38 -8.61
N VAL A 24 -30.78 -3.24 -8.06
CA VAL A 24 -30.54 -3.39 -6.62
C VAL A 24 -29.77 -2.16 -6.14
N GLY A 25 -30.27 -1.52 -5.08
CA GLY A 25 -29.56 -0.42 -4.46
C GLY A 25 -28.86 -0.84 -3.19
N TYR A 26 -27.67 -0.28 -2.97
CA TYR A 26 -26.92 -0.55 -1.77
C TYR A 26 -26.41 0.75 -1.20
N VAL A 27 -26.45 0.84 0.12
CA VAL A 27 -25.78 1.89 0.89
C VAL A 27 -24.80 1.18 1.81
N ASP A 28 -23.52 1.51 1.68
CA ASP A 28 -22.46 0.87 2.45
C ASP A 28 -22.51 -0.65 2.33
N ASN A 29 -22.70 -1.14 1.11
CA ASN A 29 -22.81 -2.56 0.77
C ASN A 29 -23.99 -3.27 1.45
N LYS A 30 -24.94 -2.57 2.02
CA LYS A 30 -26.15 -3.19 2.52
C LYS A 30 -27.28 -2.87 1.56
N GLU A 31 -28.01 -3.90 1.14
CA GLU A 31 -29.06 -3.73 0.14
C GLU A 31 -30.24 -3.00 0.74
N PHE A 32 -30.70 -1.93 0.10
CA PHE A 32 -31.79 -1.14 0.67
C PHE A 32 -33.00 -0.98 -0.22
N VAL A 33 -32.87 -1.16 -1.54
CA VAL A 33 -34.02 -1.16 -2.44
C VAL A 33 -33.76 -2.18 -3.54
N ARG A 34 -34.86 -2.66 -4.13
CA ARG A 34 -34.78 -3.65 -5.20
C ARG A 34 -35.97 -3.47 -6.12
N PHE A 35 -35.71 -3.57 -7.42
CA PHE A 35 -36.72 -3.60 -8.46
C PHE A 35 -36.48 -4.81 -9.36
N ASP A 36 -37.56 -5.50 -9.72
CA ASP A 36 -37.49 -6.69 -10.58
C ASP A 36 -38.70 -6.69 -11.50
N SER A 37 -38.45 -6.68 -12.81
CA SER A 37 -39.50 -6.67 -13.82
C SER A 37 -40.30 -7.98 -13.88
N ASP A 38 -39.86 -9.02 -13.21
CA ASP A 38 -40.57 -10.28 -13.25
C ASP A 38 -41.71 -10.34 -12.25
N ALA A 39 -41.95 -9.28 -11.48
CA ALA A 39 -43.06 -9.29 -10.54
C ALA A 39 -44.38 -9.07 -11.27
N GLU A 40 -45.48 -9.34 -10.57
CA GLU A 40 -46.78 -9.08 -11.17
C GLU A 40 -46.96 -7.58 -11.43
N ASN A 41 -46.53 -6.76 -10.47
CA ASN A 41 -46.60 -5.30 -10.55
C ASN A 41 -45.22 -4.78 -10.18
N PRO A 42 -44.28 -4.82 -11.12
CA PRO A 42 -42.89 -4.49 -10.78
C PRO A 42 -42.77 -3.07 -10.21
N ARG A 43 -42.12 -2.96 -9.06
CA ARG A 43 -42.01 -1.71 -8.34
C ARG A 43 -40.78 -1.81 -7.44
N TYR A 44 -40.12 -0.68 -7.20
CA TYR A 44 -39.05 -0.66 -6.23
C TYR A 44 -39.59 -0.94 -4.84
N GLU A 45 -38.84 -1.72 -4.06
CA GLU A 45 -39.32 -2.16 -2.76
C GLU A 45 -38.23 -1.97 -1.71
N PRO A 46 -38.59 -1.50 -0.52
CA PRO A 46 -37.59 -1.37 0.55
C PRO A 46 -37.01 -2.73 0.92
N ARG A 47 -35.69 -2.74 1.19
CA ARG A 47 -34.99 -3.90 1.69
C ARG A 47 -34.28 -3.61 3.00
N ALA A 48 -34.47 -2.43 3.56
CA ALA A 48 -33.90 -2.09 4.85
C ALA A 48 -34.99 -1.47 5.69
N PRO A 49 -35.01 -1.72 7.00
CA PRO A 49 -36.08 -1.17 7.84
C PRO A 49 -36.23 0.31 7.66
N TRP A 50 -35.11 1.02 7.53
CA TRP A 50 -35.08 2.47 7.53
C TRP A 50 -35.58 3.08 6.22
N MET A 51 -35.93 2.28 5.23
CA MET A 51 -36.55 2.81 4.02
C MET A 51 -38.08 2.91 4.12
N GLU A 52 -38.68 2.49 5.23
CA GLU A 52 -40.13 2.52 5.32
C GLU A 52 -40.65 3.88 5.75
N GLN A 53 -39.80 4.87 5.86
CA GLN A 53 -40.25 6.20 6.23
C GLN A 53 -40.44 7.12 5.02
N GLU A 54 -40.27 6.60 3.79
CA GLU A 54 -40.15 7.49 2.64
C GLU A 54 -41.49 8.08 2.22
N GLY A 55 -42.51 7.25 2.03
CA GLY A 55 -43.77 7.77 1.54
C GLY A 55 -43.97 7.54 0.06
N PRO A 56 -45.24 7.57 -0.38
CA PRO A 56 -45.58 7.05 -1.72
C PRO A 56 -44.92 7.79 -2.87
N GLU A 57 -44.69 9.11 -2.74
CA GLU A 57 -44.10 9.85 -3.86
C GLU A 57 -42.72 9.31 -4.19
N TYR A 58 -41.92 9.03 -3.16
CA TYR A 58 -40.60 8.44 -3.36
C TYR A 58 -40.71 7.18 -4.20
N TRP A 59 -41.63 6.30 -3.82
CA TRP A 59 -41.70 4.99 -4.44
C TRP A 59 -42.21 5.08 -5.87
N GLU A 60 -43.16 5.98 -6.11
CA GLU A 60 -43.67 6.08 -7.48
C GLU A 60 -42.65 6.77 -8.41
N ARG A 61 -42.00 7.85 -7.97
CA ARG A 61 -40.93 8.43 -8.78
C ARG A 61 -39.85 7.38 -9.13
N GLU A 62 -39.39 6.61 -8.13
CA GLU A 62 -38.34 5.62 -8.36
C GLU A 62 -38.80 4.49 -9.27
N THR A 63 -40.03 4.00 -9.08
CA THR A 63 -40.56 2.98 -9.98
C THR A 63 -40.64 3.46 -11.42
N GLN A 64 -41.07 4.71 -11.61
CA GLN A 64 -41.11 5.29 -12.96
C GLN A 64 -39.70 5.32 -13.55
N LYS A 65 -38.72 5.73 -12.73
CA LYS A 65 -37.34 5.72 -13.20
C LYS A 65 -36.92 4.33 -13.67
N ALA A 66 -37.26 3.28 -12.88
CA ALA A 66 -36.85 1.93 -13.24
C ALA A 66 -37.57 1.41 -14.49
N LYS A 67 -38.82 1.80 -14.70
CA LYS A 67 -39.48 1.43 -15.95
C LYS A 67 -38.82 2.11 -17.15
N GLY A 68 -38.36 3.35 -16.99
CA GLY A 68 -37.50 3.95 -18.00
C GLY A 68 -36.21 3.17 -18.22
N GLN A 69 -35.52 2.81 -17.13
CA GLN A 69 -34.31 2.00 -17.24
C GLN A 69 -34.59 0.67 -17.97
N GLU A 70 -35.76 0.09 -17.74
CA GLU A 70 -36.12 -1.13 -18.44
C GLU A 70 -36.18 -0.90 -19.96
N GLN A 71 -36.80 0.22 -20.38
CA GLN A 71 -36.79 0.53 -21.81
C GLN A 71 -35.38 0.86 -22.32
N TRP A 72 -34.60 1.60 -21.53
CA TRP A 72 -33.24 1.97 -21.91
C TRP A 72 -32.38 0.74 -22.15
N PHE A 73 -32.45 -0.24 -21.24
CA PHE A 73 -31.65 -1.44 -21.38
C PHE A 73 -32.18 -2.33 -22.51
N ARG A 74 -33.49 -2.39 -22.70
CA ARG A 74 -34.01 -3.13 -23.84
C ARG A 74 -33.40 -2.60 -25.15
N VAL A 75 -33.42 -1.27 -25.33
CA VAL A 75 -32.91 -0.70 -26.56
C VAL A 75 -31.38 -0.91 -26.65
N SER A 76 -30.66 -0.73 -25.54
CA SER A 76 -29.21 -0.91 -25.56
C SER A 76 -28.84 -2.36 -25.87
N LEU A 77 -29.62 -3.31 -25.38
CA LEU A 77 -29.41 -4.70 -25.76
C LEU A 77 -29.58 -4.90 -27.25
N ARG A 78 -30.61 -4.30 -27.85
CA ARG A 78 -30.77 -4.46 -29.30
C ARG A 78 -29.61 -3.83 -30.06
N ASN A 79 -29.21 -2.61 -29.66
CA ASN A 79 -28.06 -1.95 -30.26
C ASN A 79 -26.83 -2.85 -30.21
N LEU A 80 -26.48 -3.34 -29.02
CA LEU A 80 -25.29 -4.19 -28.88
C LEU A 80 -25.41 -5.43 -29.75
N LEU A 81 -26.58 -6.09 -29.75
CA LEU A 81 -26.83 -7.22 -30.64
C LEU A 81 -26.42 -6.90 -32.07
N GLY A 82 -26.77 -5.69 -32.53
CA GLY A 82 -26.37 -5.28 -33.86
C GLY A 82 -24.88 -5.04 -33.99
N TYR A 83 -24.26 -4.42 -32.98
CA TYR A 83 -22.83 -4.10 -33.05
C TYR A 83 -22.00 -5.36 -33.27
N TYR A 84 -22.27 -6.41 -32.50
CA TYR A 84 -21.55 -7.67 -32.61
C TYR A 84 -22.06 -8.57 -33.71
N ASN A 85 -23.10 -8.16 -34.44
CA ASN A 85 -23.75 -8.96 -35.48
C ASN A 85 -24.15 -10.32 -34.95
N GLN A 86 -24.85 -10.32 -33.82
CA GLN A 86 -25.32 -11.54 -33.21
C GLN A 86 -26.73 -11.88 -33.69
N SER A 87 -27.15 -13.12 -33.41
CA SER A 87 -28.52 -13.54 -33.66
C SER A 87 -29.47 -12.96 -32.61
N ALA A 88 -30.76 -12.92 -32.94
CA ALA A 88 -31.77 -12.36 -32.04
C ALA A 88 -32.48 -13.40 -31.17
N GLY A 89 -32.39 -14.68 -31.51
CA GLY A 89 -33.05 -15.67 -30.69
C GLY A 89 -32.31 -16.13 -29.46
N GLY A 90 -31.25 -15.44 -29.03
CA GLY A 90 -30.46 -15.86 -27.90
C GLY A 90 -30.85 -15.12 -26.63
N SER A 91 -30.18 -15.50 -25.54
CA SER A 91 -30.25 -14.75 -24.30
C SER A 91 -28.94 -14.02 -24.09
N HIS A 92 -29.04 -12.75 -23.69
CA HIS A 92 -27.86 -11.91 -23.57
C HIS A 92 -27.96 -11.09 -22.31
N THR A 93 -26.81 -10.71 -21.76
CA THR A 93 -26.72 -10.04 -20.47
C THR A 93 -26.02 -8.70 -20.59
N LEU A 94 -26.67 -7.67 -20.06
CA LEU A 94 -26.09 -6.35 -19.90
C LEU A 94 -26.09 -6.03 -18.41
N GLN A 95 -24.97 -5.55 -17.88
CA GLN A 95 -24.89 -5.23 -16.47
C GLN A 95 -24.36 -3.83 -16.23
N GLN A 96 -24.64 -3.35 -15.04
CA GLN A 96 -24.39 -1.97 -14.68
C GLN A 96 -24.04 -1.87 -13.21
N MET A 97 -22.95 -1.20 -12.90
CA MET A 97 -22.63 -0.80 -11.53
C MET A 97 -22.40 0.70 -11.54
N SER A 98 -23.12 1.44 -10.69
CA SER A 98 -22.95 2.88 -10.66
C SER A 98 -23.24 3.44 -9.27
N GLY A 99 -22.90 4.72 -9.09
CA GLY A 99 -23.18 5.42 -7.85
C GLY A 99 -22.02 6.28 -7.39
N CYS A 100 -22.03 6.64 -6.11
CA CYS A 100 -21.12 7.64 -5.59
C CYS A 100 -20.54 7.23 -4.23
N ASP A 101 -19.46 7.93 -3.88
CA ASP A 101 -18.86 7.94 -2.55
C ASP A 101 -18.93 9.35 -2.00
N LEU A 102 -19.27 9.46 -0.72
CA LEU A 102 -19.43 10.70 0.01
C LEU A 102 -18.30 10.72 1.03
N GLY A 103 -17.49 11.78 0.96
CA GLY A 103 -16.34 11.93 1.83
C GLY A 103 -16.72 12.57 3.16
N SER A 104 -15.69 12.70 4.00
CA SER A 104 -15.86 13.32 5.32
C SER A 104 -16.18 14.81 5.24
N ASP A 105 -15.86 15.48 4.14
CA ASP A 105 -16.24 16.88 3.95
C ASP A 105 -17.58 17.04 3.23
N TRP A 106 -18.41 16.00 3.20
CA TRP A 106 -19.74 16.03 2.60
C TRP A 106 -19.72 16.34 1.11
N ARG A 107 -18.60 16.09 0.42
CA ARG A 107 -18.51 16.30 -1.02
C ARG A 107 -18.44 14.97 -1.76
N LEU A 108 -18.77 15.01 -3.06
CA LEU A 108 -18.60 13.84 -3.90
C LEU A 108 -17.14 13.42 -3.86
N LEU A 109 -16.86 12.23 -3.32
CA LEU A 109 -15.49 11.70 -3.27
C LEU A 109 -15.08 10.98 -4.55
N ARG A 110 -15.92 10.07 -5.05
CA ARG A 110 -15.69 9.35 -6.30
C ARG A 110 -17.03 8.99 -6.90
N GLY A 111 -17.08 8.96 -8.24
CA GLY A 111 -18.27 8.52 -8.94
C GLY A 111 -17.94 7.29 -9.76
N TYR A 112 -18.98 6.50 -10.06
CA TYR A 112 -18.82 5.21 -10.72
C TYR A 112 -19.96 4.97 -11.69
N LEU A 113 -19.59 4.48 -12.88
CA LEU A 113 -20.56 4.12 -13.91
C LEU A 113 -19.81 3.17 -14.85
N GLN A 114 -20.07 1.88 -14.72
CA GLN A 114 -19.45 0.93 -15.64
C GLN A 114 -20.44 -0.14 -16.02
N PHE A 115 -20.29 -0.62 -17.25
CA PHE A 115 -21.21 -1.59 -17.82
C PHE A 115 -20.41 -2.80 -18.28
N ALA A 116 -21.08 -3.93 -18.30
CA ALA A 116 -20.53 -5.17 -18.85
C ALA A 116 -21.54 -5.80 -19.80
N TYR A 117 -21.04 -6.45 -20.84
CA TYR A 117 -21.86 -7.20 -21.78
C TYR A 117 -21.36 -8.64 -21.79
N GLU A 118 -22.26 -9.58 -21.48
CA GLU A 118 -21.93 -11.01 -21.38
C GLU A 118 -20.89 -11.28 -20.29
N GLY A 119 -20.98 -10.56 -19.17
CA GLY A 119 -20.06 -10.77 -18.08
C GLY A 119 -18.67 -10.17 -18.26
N ARG A 120 -18.38 -9.55 -19.39
CA ARG A 120 -17.11 -8.88 -19.65
C ARG A 120 -17.29 -7.37 -19.66
N ASP A 121 -16.29 -6.66 -19.10
CA ASP A 121 -16.26 -5.20 -19.16
C ASP A 121 -16.55 -4.68 -20.58
N TYR A 122 -17.30 -3.58 -20.67
CA TYR A 122 -17.66 -3.00 -21.95
C TYR A 122 -17.29 -1.51 -22.05
N ILE A 123 -17.86 -0.67 -21.19
CA ILE A 123 -17.46 0.72 -21.17
C ILE A 123 -17.57 1.19 -19.74
N ALA A 124 -16.64 2.05 -19.33
CA ALA A 124 -16.66 2.64 -18.00
C ALA A 124 -16.34 4.12 -18.07
N LEU A 125 -16.98 4.89 -17.21
CA LEU A 125 -16.61 6.28 -17.00
C LEU A 125 -15.34 6.35 -16.17
N ASN A 126 -14.40 7.21 -16.57
CA ASN A 126 -13.12 7.31 -15.88
C ASN A 126 -13.27 8.16 -14.61
N GLU A 127 -12.22 8.14 -13.80
CA GLU A 127 -12.27 8.84 -12.52
C GLU A 127 -12.52 10.33 -12.71
N ASP A 128 -12.02 10.89 -13.81
CA ASP A 128 -12.20 12.30 -14.04
C ASP A 128 -13.66 12.67 -14.30
N LEU A 129 -14.52 11.67 -14.53
CA LEU A 129 -15.93 11.88 -14.85
C LEU A 129 -16.09 12.69 -16.14
N LYS A 130 -15.08 12.62 -17.00
CA LYS A 130 -15.07 13.36 -18.25
C LYS A 130 -14.85 12.43 -19.44
N THR A 131 -14.10 11.36 -19.25
CA THR A 131 -13.73 10.48 -20.36
C THR A 131 -14.16 9.04 -20.12
N TRP A 132 -14.28 8.31 -21.22
CA TRP A 132 -14.68 6.91 -21.17
C TRP A 132 -13.54 5.99 -21.59
N THR A 133 -13.55 4.80 -21.02
CA THR A 133 -12.68 3.71 -21.40
C THR A 133 -13.55 2.62 -22.00
N ALA A 134 -13.26 2.24 -23.24
CA ALA A 134 -14.01 1.23 -23.98
C ALA A 134 -13.18 -0.04 -24.11
N ALA A 135 -13.83 -1.19 -23.94
CA ALA A 135 -13.10 -2.45 -23.94
C ALA A 135 -12.75 -2.90 -25.36
N ASP A 136 -13.65 -2.72 -26.33
CA ASP A 136 -13.42 -3.14 -27.72
C ASP A 136 -13.97 -2.07 -28.68
N MET A 137 -13.98 -2.38 -29.99
CA MET A 137 -14.45 -1.43 -31.00
C MET A 137 -15.98 -1.22 -30.98
N ALA A 138 -16.76 -2.22 -30.54
CA ALA A 138 -18.19 -1.96 -30.36
C ALA A 138 -18.42 -0.93 -29.27
N ALA A 139 -17.74 -1.12 -28.12
CA ALA A 139 -17.78 -0.14 -27.06
C ALA A 139 -17.23 1.20 -27.52
N GLN A 140 -16.40 1.22 -28.56
CA GLN A 140 -15.99 2.53 -29.07
C GLN A 140 -17.07 3.21 -29.92
N ILE A 141 -17.93 2.43 -30.60
CA ILE A 141 -19.17 3.04 -31.11
C ILE A 141 -19.92 3.74 -29.98
N THR A 142 -20.24 2.99 -28.91
CA THR A 142 -20.97 3.58 -27.79
C THR A 142 -20.23 4.80 -27.23
N ARG A 143 -18.91 4.75 -27.19
CA ARG A 143 -18.15 5.85 -26.60
C ARG A 143 -18.19 7.10 -27.48
N ARG A 144 -18.05 6.93 -28.81
CA ARG A 144 -18.29 8.05 -29.72
C ARG A 144 -19.68 8.65 -29.52
N LYS A 145 -20.70 7.78 -29.40
CA LYS A 145 -22.05 8.29 -29.24
C LYS A 145 -22.20 9.08 -27.94
N TRP A 146 -21.57 8.61 -26.87
CA TRP A 146 -21.74 9.27 -25.58
C TRP A 146 -20.88 10.51 -25.45
N GLU A 147 -19.77 10.57 -26.15
CA GLU A 147 -19.04 11.82 -26.25
C GLU A 147 -19.87 12.84 -27.02
N GLN A 148 -20.44 12.43 -28.16
CA GLN A 148 -21.34 13.29 -28.91
C GLN A 148 -22.46 13.87 -28.04
N SER A 149 -23.17 13.01 -27.31
CA SER A 149 -24.32 13.50 -26.56
C SER A 149 -23.96 14.13 -25.22
N GLY A 150 -22.68 14.20 -24.88
CA GLY A 150 -22.27 14.73 -23.59
C GLY A 150 -22.77 13.93 -22.41
N ALA A 151 -22.71 12.60 -22.51
CA ALA A 151 -23.26 11.76 -21.45
C ALA A 151 -22.52 11.96 -20.13
N ALA A 152 -21.19 12.04 -20.19
CA ALA A 152 -20.39 12.17 -18.98
C ALA A 152 -20.75 13.41 -18.17
N GLU A 153 -21.04 14.54 -18.82
CA GLU A 153 -21.41 15.74 -18.08
C GLU A 153 -22.74 15.54 -17.38
N HIS A 154 -23.71 14.94 -18.07
CA HIS A 154 -25.02 14.71 -17.45
C HIS A 154 -24.88 13.79 -16.25
N TYR A 155 -24.11 12.71 -16.39
CA TYR A 155 -23.93 11.81 -15.26
C TYR A 155 -23.14 12.47 -14.14
N LYS A 156 -22.14 13.30 -14.47
CA LYS A 156 -21.43 14.05 -13.44
C LYS A 156 -22.39 14.93 -12.66
N ALA A 157 -23.40 15.50 -13.35
CA ALA A 157 -24.40 16.30 -12.67
C ALA A 157 -25.23 15.45 -11.71
N TYR A 158 -25.61 14.25 -12.13
CA TYR A 158 -26.30 13.35 -11.22
C TYR A 158 -25.42 13.02 -10.00
N LEU A 159 -24.16 12.67 -10.24
CA LEU A 159 -23.23 12.33 -9.17
C LEU A 159 -23.09 13.46 -8.14
N GLU A 160 -22.87 14.69 -8.60
CA GLU A 160 -22.62 15.82 -7.71
C GLU A 160 -23.88 16.36 -7.05
N GLY A 161 -25.06 15.94 -7.50
CA GLY A 161 -26.31 16.44 -6.96
C GLY A 161 -27.17 15.35 -6.36
N GLU A 162 -28.02 14.74 -7.17
CA GLU A 162 -29.02 13.81 -6.63
C GLU A 162 -28.36 12.65 -5.89
N CYS A 163 -27.22 12.15 -6.39
CA CYS A 163 -26.60 10.95 -5.82
C CYS A 163 -26.10 11.18 -4.39
N VAL A 164 -25.23 12.17 -4.21
CA VAL A 164 -24.72 12.46 -2.88
C VAL A 164 -25.83 13.02 -1.98
N GLU A 165 -26.83 13.72 -2.55
CA GLU A 165 -27.93 14.22 -1.74
C GLU A 165 -28.74 13.09 -1.13
N TRP A 166 -29.12 12.12 -1.96
CA TRP A 166 -29.90 11.03 -1.43
C TRP A 166 -29.05 10.10 -0.58
N LEU A 167 -27.76 9.94 -0.90
CA LEU A 167 -26.89 9.16 -0.03
C LEU A 167 -26.85 9.77 1.36
N HIS A 168 -26.65 11.09 1.44
CA HIS A 168 -26.65 11.76 2.73
C HIS A 168 -27.97 11.52 3.47
N ARG A 169 -29.10 11.69 2.77
CA ARG A 169 -30.40 11.48 3.41
C ARG A 169 -30.51 10.07 4.00
N TYR A 170 -30.10 9.05 3.23
CA TYR A 170 -30.16 7.66 3.69
C TYR A 170 -29.27 7.45 4.91
N LEU A 171 -28.06 8.01 4.89
CA LEU A 171 -27.14 7.84 6.01
C LEU A 171 -27.72 8.40 7.28
N LYS A 172 -28.55 9.44 7.18
CA LYS A 172 -29.16 10.02 8.39
C LYS A 172 -30.10 9.04 9.11
N ASN A 173 -29.75 7.75 9.10
CA ASN A 173 -30.47 6.68 9.78
C ASN A 173 -29.58 5.42 9.80
N GLY A 174 -29.67 4.59 8.76
CA GLY A 174 -28.76 3.45 8.63
C GLY A 174 -27.28 3.85 8.55
N LEU A 179 -23.45 -0.54 11.30
CA LEU A 179 -22.71 -0.23 12.51
C LEU A 179 -22.86 -1.35 13.56
N ARG A 180 -22.35 -2.55 13.24
CA ARG A 180 -22.36 -3.71 14.14
C ARG A 180 -21.22 -4.64 13.77
N THR A 181 -20.84 -5.49 14.72
CA THR A 181 -19.70 -6.37 14.53
C THR A 181 -19.87 -7.62 15.39
N ASP A 182 -19.40 -8.76 14.88
CA ASP A 182 -19.56 -10.04 15.56
C ASP A 182 -18.30 -10.87 15.34
N SER A 183 -17.54 -11.11 16.40
CA SER A 183 -16.27 -11.82 16.26
C SER A 183 -16.52 -13.27 15.86
N PRO A 184 -15.58 -13.89 15.14
CA PRO A 184 -15.72 -15.31 14.83
C PRO A 184 -15.45 -16.18 16.04
N LYS A 185 -16.10 -17.34 16.04
CA LYS A 185 -15.80 -18.43 16.96
C LYS A 185 -15.09 -19.50 16.15
N ALA A 186 -13.86 -19.82 16.55
CA ALA A 186 -12.94 -20.59 15.72
C ALA A 186 -12.56 -21.89 16.41
N HIS A 187 -12.38 -22.92 15.60
CA HIS A 187 -11.88 -24.18 16.17
C HIS A 187 -11.24 -25.01 15.06
N VAL A 188 -10.39 -25.93 15.48
CA VAL A 188 -9.69 -26.80 14.55
C VAL A 188 -10.28 -28.20 14.65
N THR A 189 -10.72 -28.75 13.52
CA THR A 189 -11.11 -30.14 13.40
C THR A 189 -10.05 -30.92 12.66
N HIS A 190 -10.09 -32.25 12.84
CA HIS A 190 -9.05 -33.18 12.43
C HIS A 190 -9.72 -34.27 11.62
N HIS A 191 -9.10 -34.66 10.51
CA HIS A 191 -9.73 -35.64 9.63
C HIS A 191 -8.67 -36.56 9.05
N PRO A 192 -8.75 -37.87 9.28
CA PRO A 192 -7.77 -38.75 8.65
C PRO A 192 -7.94 -38.69 7.15
N ARG A 193 -6.83 -38.42 6.45
CA ARG A 193 -6.88 -38.24 5.01
C ARG A 193 -6.18 -39.43 4.37
N SER A 194 -4.90 -39.33 4.07
CA SER A 194 -4.14 -40.42 3.47
C SER A 194 -3.69 -41.36 4.58
N LYS A 195 -2.75 -42.25 4.26
CA LYS A 195 -2.36 -43.31 5.19
C LYS A 195 -1.62 -42.74 6.40
N GLY A 196 -0.65 -41.85 6.15
CA GLY A 196 0.08 -41.21 7.22
C GLY A 196 -0.08 -39.71 7.20
N GLU A 197 -1.15 -39.23 6.56
CA GLU A 197 -1.47 -37.81 6.44
C GLU A 197 -2.85 -37.53 6.99
N VAL A 198 -3.02 -36.34 7.56
CA VAL A 198 -4.32 -35.90 8.04
C VAL A 198 -4.61 -34.50 7.52
N THR A 199 -5.88 -34.13 7.58
CA THR A 199 -6.31 -32.78 7.25
C THR A 199 -6.64 -32.07 8.55
N LEU A 200 -5.95 -30.96 8.79
CA LEU A 200 -6.36 -29.99 9.80
C LEU A 200 -7.25 -28.97 9.13
N ARG A 201 -8.47 -28.80 9.64
CA ARG A 201 -9.39 -27.78 9.15
C ARG A 201 -9.59 -26.72 10.22
N CYS A 202 -9.27 -25.49 9.91
CA CYS A 202 -9.47 -24.34 10.78
C CYS A 202 -10.78 -23.66 10.37
N TRP A 203 -11.75 -23.67 11.27
CA TRP A 203 -13.07 -23.11 11.07
C TRP A 203 -13.21 -21.75 11.75
N ALA A 204 -13.85 -20.81 11.04
CA ALA A 204 -14.32 -19.54 11.59
C ALA A 204 -15.83 -19.46 11.37
N LEU A 205 -16.60 -19.40 12.46
CA LEU A 205 -18.07 -19.37 12.35
C LEU A 205 -18.66 -18.17 13.07
N GLY A 206 -19.79 -17.71 12.55
CA GLY A 206 -20.61 -16.77 13.28
C GLY A 206 -20.10 -15.34 13.31
N PHE A 207 -19.32 -14.92 12.30
CA PHE A 207 -18.71 -13.60 12.32
C PHE A 207 -19.41 -12.63 11.36
N TYR A 208 -19.22 -11.33 11.64
CA TYR A 208 -19.73 -10.24 10.82
C TYR A 208 -18.85 -9.01 11.05
N PRO A 209 -18.41 -8.32 9.99
CA PRO A 209 -18.71 -8.58 8.56
C PRO A 209 -18.03 -9.82 7.99
N ALA A 210 -18.20 -10.03 6.69
CA ALA A 210 -17.74 -11.25 6.05
C ALA A 210 -16.25 -11.23 5.76
N ASP A 211 -15.62 -10.05 5.79
CA ASP A 211 -14.18 -9.93 5.59
C ASP A 211 -13.42 -10.62 6.71
N ILE A 212 -12.50 -11.51 6.34
CA ILE A 212 -11.79 -12.29 7.33
C ILE A 212 -10.55 -12.83 6.68
N THR A 213 -9.58 -13.20 7.49
CA THR A 213 -8.44 -13.92 6.96
C THR A 213 -8.06 -15.08 7.85
N LEU A 214 -7.93 -16.26 7.24
CA LEU A 214 -7.49 -17.47 7.92
C LEU A 214 -6.12 -17.86 7.38
N THR A 215 -5.17 -18.12 8.27
CA THR A 215 -3.83 -18.55 7.87
C THR A 215 -3.38 -19.79 8.64
N TRP A 216 -2.57 -20.62 7.99
CA TRP A 216 -1.90 -21.75 8.62
C TRP A 216 -0.39 -21.51 8.66
N GLN A 217 0.20 -21.71 9.85
CA GLN A 217 1.65 -21.64 10.05
C GLN A 217 2.18 -22.97 10.54
N LEU A 218 3.42 -23.26 10.16
CA LEU A 218 4.20 -24.36 10.72
C LEU A 218 5.34 -23.70 11.47
N ASN A 219 5.18 -23.61 12.79
CA ASN A 219 6.10 -22.88 13.68
C ASN A 219 6.41 -21.48 13.13
N GLY A 220 5.36 -20.72 12.84
CA GLY A 220 5.48 -19.34 12.41
C GLY A 220 5.50 -19.09 10.91
N GLU A 221 5.91 -20.07 10.11
CA GLU A 221 6.04 -19.88 8.67
C GLU A 221 4.70 -20.09 7.97
N GLU A 222 4.28 -19.11 7.17
CA GLU A 222 2.98 -19.19 6.51
C GLU A 222 2.95 -20.31 5.48
N LEU A 223 1.85 -21.08 5.48
CA LEU A 223 1.66 -22.18 4.56
C LEU A 223 0.69 -21.84 3.44
N THR A 224 0.52 -20.53 3.16
CA THR A 224 -0.45 -20.06 2.18
C THR A 224 -0.43 -20.87 0.90
N GLN A 225 0.77 -21.24 0.44
CA GLN A 225 0.92 -21.91 -0.85
C GLN A 225 0.11 -23.21 -0.90
N ASP A 226 0.39 -24.13 0.00
CA ASP A 226 -0.31 -25.43 0.02
C ASP A 226 -1.44 -25.42 1.05
N MET A 227 -2.34 -24.45 0.89
CA MET A 227 -3.49 -24.27 1.77
C MET A 227 -4.78 -24.31 0.93
N GLU A 228 -5.73 -25.14 1.34
CA GLU A 228 -7.05 -25.18 0.74
C GLU A 228 -7.98 -24.33 1.58
N LEU A 229 -8.79 -23.50 0.94
CA LEU A 229 -9.73 -22.70 1.71
C LEU A 229 -10.93 -22.35 0.85
N VAL A 230 -12.09 -22.29 1.50
CA VAL A 230 -13.37 -22.10 0.82
C VAL A 230 -13.78 -20.63 0.86
N GLU A 231 -14.55 -20.24 -0.14
CA GLU A 231 -15.12 -18.91 -0.16
C GLU A 231 -15.98 -18.66 1.07
N THR A 232 -15.83 -17.46 1.65
CA THR A 232 -16.70 -17.04 2.74
C THR A 232 -18.15 -17.23 2.33
N ARG A 233 -18.98 -17.71 3.26
CA ARG A 233 -20.32 -18.14 2.91
C ARG A 233 -21.32 -17.72 3.98
N PRO A 234 -22.55 -17.37 3.59
CA PRO A 234 -23.53 -16.89 4.58
C PRO A 234 -24.14 -18.06 5.35
N ALA A 235 -24.13 -17.96 6.68
CA ALA A 235 -24.87 -18.93 7.48
C ALA A 235 -26.36 -18.87 7.19
N GLY A 236 -26.82 -17.69 6.74
CA GLY A 236 -28.23 -17.42 6.60
C GLY A 236 -28.87 -16.81 7.83
N ASP A 237 -28.09 -16.50 8.87
CA ASP A 237 -28.61 -15.93 10.11
C ASP A 237 -27.93 -14.60 10.44
N GLY A 238 -27.42 -13.92 9.42
CA GLY A 238 -26.73 -12.67 9.58
C GLY A 238 -25.22 -12.80 9.60
N THR A 239 -24.68 -13.94 10.04
CA THR A 239 -23.25 -14.12 10.21
C THR A 239 -22.68 -14.90 9.02
N PHE A 240 -21.37 -15.15 9.08
CA PHE A 240 -20.67 -15.83 8.00
C PHE A 240 -19.77 -16.93 8.55
N GLN A 241 -19.36 -17.82 7.65
CA GLN A 241 -18.48 -18.94 7.94
C GLN A 241 -17.34 -18.98 6.92
N LYS A 242 -16.22 -19.57 7.34
CA LYS A 242 -15.10 -19.84 6.45
C LYS A 242 -14.27 -20.97 7.04
N TRP A 243 -13.58 -21.72 6.20
CA TRP A 243 -12.56 -22.58 6.75
C TRP A 243 -11.34 -22.63 5.83
N ALA A 244 -10.18 -22.84 6.44
CA ALA A 244 -8.94 -23.14 5.74
C ALA A 244 -8.35 -24.43 6.28
N SER A 245 -7.85 -25.28 5.40
CA SER A 245 -7.30 -26.57 5.82
C SER A 245 -5.93 -26.79 5.20
N VAL A 246 -5.07 -27.51 5.93
CA VAL A 246 -3.80 -28.02 5.42
C VAL A 246 -3.69 -29.52 5.66
N VAL A 247 -2.80 -30.15 4.89
CA VAL A 247 -2.55 -31.58 5.00
C VAL A 247 -1.18 -31.76 5.67
N VAL A 248 -1.16 -32.48 6.80
CA VAL A 248 0.05 -32.56 7.62
C VAL A 248 0.38 -34.03 7.90
N PRO A 249 1.63 -34.31 8.29
CA PRO A 249 1.98 -35.69 8.68
C PRO A 249 1.28 -36.11 9.96
N LEU A 250 0.72 -37.31 9.94
CA LEU A 250 0.07 -37.84 11.13
C LEU A 250 1.08 -37.87 12.27
N GLY A 251 0.74 -37.24 13.39
CA GLY A 251 1.62 -37.15 14.53
C GLY A 251 2.25 -35.79 14.72
N LYS A 252 2.39 -35.00 13.66
CA LYS A 252 3.00 -33.68 13.75
C LYS A 252 1.99 -32.55 13.96
N GLU A 253 0.72 -32.88 14.24
CA GLU A 253 -0.32 -31.86 14.20
C GLU A 253 0.00 -30.68 15.10
N GLN A 254 0.73 -30.91 16.20
CA GLN A 254 0.91 -29.84 17.18
C GLN A 254 1.90 -28.77 16.73
N ASN A 255 2.63 -29.01 15.63
CA ASN A 255 3.53 -28.02 15.07
C ASN A 255 2.83 -27.04 14.12
N TYR A 256 1.51 -27.17 13.96
CA TYR A 256 0.73 -26.36 13.05
C TYR A 256 -0.24 -25.48 13.83
N THR A 257 -0.28 -24.20 13.50
CA THR A 257 -1.19 -23.23 14.13
C THR A 257 -2.02 -22.53 13.07
N CYS A 258 -3.28 -22.31 13.41
CA CYS A 258 -4.18 -21.48 12.63
C CYS A 258 -4.25 -20.09 13.26
N ARG A 259 -4.29 -19.05 12.42
CA ARG A 259 -4.37 -17.66 12.88
C ARG A 259 -5.50 -16.95 12.16
N VAL A 260 -6.43 -16.38 12.93
CA VAL A 260 -7.66 -15.78 12.42
C VAL A 260 -7.58 -14.28 12.66
N TYR A 261 -7.76 -13.50 11.58
CA TYR A 261 -7.81 -12.03 11.63
C TYR A 261 -9.22 -11.57 11.25
N HIS A 262 -9.86 -10.81 12.16
CA HIS A 262 -11.19 -10.27 11.94
C HIS A 262 -11.37 -8.97 12.71
N GLU A 263 -12.12 -8.03 12.13
CA GLU A 263 -12.26 -6.67 12.68
C GLU A 263 -12.58 -6.69 14.18
N GLY A 264 -13.59 -7.46 14.56
CA GLY A 264 -14.06 -7.44 15.92
C GLY A 264 -13.17 -8.15 16.92
N LEU A 265 -12.06 -8.74 16.46
CA LEU A 265 -11.16 -9.42 17.39
C LEU A 265 -10.22 -8.41 18.02
N PRO A 266 -10.10 -8.40 19.35
CA PRO A 266 -9.14 -7.50 20.02
C PRO A 266 -7.70 -7.77 19.64
N GLU A 267 -7.42 -8.99 19.20
CA GLU A 267 -6.12 -9.43 18.73
C GLU A 267 -6.39 -10.66 17.88
N PRO A 268 -5.53 -10.96 16.92
CA PRO A 268 -5.79 -12.15 16.10
C PRO A 268 -5.80 -13.42 16.96
N LEU A 269 -6.76 -14.31 16.69
CA LEU A 269 -6.83 -15.58 17.39
C LEU A 269 -5.79 -16.55 16.85
N THR A 270 -5.18 -17.33 17.75
CA THR A 270 -4.28 -18.42 17.36
C THR A 270 -4.77 -19.72 17.96
N LEU A 271 -4.86 -20.78 17.14
CA LEU A 271 -5.41 -22.07 17.57
C LEU A 271 -4.57 -23.21 17.08
N ARG A 272 -4.74 -24.35 17.77
CA ARG A 272 -4.05 -25.60 17.51
C ARG A 272 -5.03 -26.75 17.69
N TRP A 273 -4.64 -27.94 17.23
CA TRP A 273 -5.38 -29.17 17.49
C TRP A 273 -5.29 -29.57 18.96
N GLN B 2 -19.14 -18.17 -20.82
CA GLN B 2 -19.65 -18.85 -19.62
C GLN B 2 -18.59 -18.95 -18.51
N LYS B 3 -19.04 -19.06 -17.25
CA LYS B 3 -18.17 -19.14 -16.07
C LYS B 3 -18.74 -20.16 -15.09
N THR B 4 -17.93 -21.17 -14.72
CA THR B 4 -18.45 -22.31 -13.97
C THR B 4 -18.82 -21.91 -12.54
N PRO B 5 -19.93 -22.41 -12.00
CA PRO B 5 -20.32 -22.07 -10.63
C PRO B 5 -19.51 -22.84 -9.58
N GLN B 6 -19.44 -22.24 -8.40
CA GLN B 6 -18.82 -22.83 -7.22
C GLN B 6 -19.92 -23.06 -6.22
N ILE B 7 -20.06 -24.31 -5.78
CA ILE B 7 -21.19 -24.76 -4.97
C ILE B 7 -20.66 -25.14 -3.60
N GLN B 8 -21.44 -24.85 -2.57
CA GLN B 8 -21.13 -25.30 -1.22
C GLN B 8 -22.42 -25.73 -0.55
N VAL B 9 -22.43 -26.94 0.02
CA VAL B 9 -23.58 -27.46 0.75
C VAL B 9 -23.16 -27.60 2.21
N TYR B 10 -23.95 -27.04 3.11
CA TYR B 10 -23.45 -26.89 4.47
C TYR B 10 -24.58 -26.47 5.39
N SER B 11 -24.53 -26.97 6.62
CA SER B 11 -25.52 -26.62 7.63
C SER B 11 -25.26 -25.21 8.17
N ARG B 12 -26.32 -24.59 8.70
CA ARG B 12 -26.16 -23.28 9.32
C ARG B 12 -25.43 -23.40 10.65
N HIS B 13 -26.02 -24.12 11.62
CA HIS B 13 -25.46 -24.42 12.92
C HIS B 13 -24.75 -25.77 12.89
N PRO B 14 -23.80 -26.00 13.80
CA PRO B 14 -23.15 -27.33 13.89
C PRO B 14 -24.16 -28.46 13.91
N PRO B 15 -23.95 -29.51 13.13
CA PRO B 15 -24.97 -30.56 13.00
C PRO B 15 -24.96 -31.54 14.17
N GLU B 16 -26.16 -31.89 14.64
CA GLU B 16 -26.38 -32.97 15.59
C GLU B 16 -27.38 -33.95 15.00
N ASN B 17 -27.03 -35.24 15.01
CA ASN B 17 -27.91 -36.27 14.46
C ASN B 17 -29.29 -36.21 15.09
N GLY B 18 -30.30 -35.89 14.29
CA GLY B 18 -31.63 -35.70 14.82
C GLY B 18 -31.76 -34.40 15.58
N LYS B 19 -31.65 -33.30 14.86
CA LYS B 19 -31.80 -31.98 15.45
C LYS B 19 -32.30 -31.05 14.36
N PRO B 20 -33.15 -30.08 14.71
CA PRO B 20 -33.54 -29.08 13.71
C PRO B 20 -32.33 -28.32 13.22
N ASN B 21 -32.24 -28.15 11.89
CA ASN B 21 -31.15 -27.38 11.28
C ASN B 21 -31.63 -26.85 9.93
N ILE B 22 -30.75 -26.10 9.27
CA ILE B 22 -30.98 -25.52 7.94
C ILE B 22 -29.84 -25.97 7.04
N LEU B 23 -30.19 -26.51 5.87
CA LEU B 23 -29.21 -26.86 4.85
C LEU B 23 -29.11 -25.73 3.82
N ASN B 24 -27.88 -25.30 3.51
CA ASN B 24 -27.57 -24.24 2.57
C ASN B 24 -26.86 -24.80 1.34
N CYS B 25 -27.33 -24.38 0.16
CA CYS B 25 -26.61 -24.54 -1.09
C CYS B 25 -26.28 -23.13 -1.60
N TYR B 26 -25.04 -22.73 -1.38
CA TYR B 26 -24.50 -21.43 -1.80
C TYR B 26 -23.81 -21.61 -3.13
N VAL B 27 -24.30 -20.93 -4.17
CA VAL B 27 -23.74 -21.04 -5.52
C VAL B 27 -23.25 -19.66 -5.94
N THR B 28 -21.97 -19.58 -6.30
CA THR B 28 -21.33 -18.31 -6.63
C THR B 28 -20.54 -18.40 -7.93
N GLN B 29 -20.15 -17.24 -8.43
CA GLN B 29 -19.18 -17.10 -9.51
C GLN B 29 -19.66 -17.68 -10.83
N PHE B 30 -20.95 -17.59 -11.12
CA PHE B 30 -21.48 -18.10 -12.38
C PHE B 30 -21.97 -16.96 -13.27
N HIS B 31 -22.15 -17.30 -14.56
CA HIS B 31 -22.60 -16.40 -15.62
C HIS B 31 -22.80 -17.22 -16.88
N PRO B 32 -23.95 -17.14 -17.55
CA PRO B 32 -25.08 -16.21 -17.37
C PRO B 32 -25.90 -16.47 -16.10
N PRO B 33 -26.74 -15.52 -15.69
CA PRO B 33 -27.47 -15.68 -14.42
C PRO B 33 -28.46 -16.83 -14.43
N HIS B 34 -28.81 -17.39 -15.59
CA HIS B 34 -29.79 -18.48 -15.63
C HIS B 34 -29.19 -19.76 -15.04
N ILE B 35 -29.91 -20.39 -14.11
CA ILE B 35 -29.36 -21.50 -13.33
C ILE B 35 -30.52 -22.23 -12.65
N GLU B 36 -30.36 -23.54 -12.46
CA GLU B 36 -31.36 -24.37 -11.79
C GLU B 36 -30.72 -25.06 -10.59
N ILE B 37 -31.40 -25.01 -9.44
CA ILE B 37 -30.86 -25.50 -8.19
C ILE B 37 -31.92 -26.38 -7.53
N GLN B 38 -31.59 -27.64 -7.30
CA GLN B 38 -32.49 -28.61 -6.70
C GLN B 38 -31.88 -29.14 -5.42
N MET B 39 -32.59 -29.05 -4.31
CA MET B 39 -32.11 -29.63 -3.07
C MET B 39 -32.80 -30.97 -2.83
N LEU B 40 -32.01 -32.00 -2.61
CA LEU B 40 -32.50 -33.38 -2.62
C LEU B 40 -32.21 -34.06 -1.28
N LYS B 41 -33.20 -34.82 -0.79
CA LYS B 41 -33.05 -35.68 0.38
C LYS B 41 -33.14 -37.13 -0.07
N ASN B 42 -32.02 -37.85 0.01
CA ASN B 42 -31.92 -39.23 -0.46
C ASN B 42 -32.25 -39.36 -1.95
N GLY B 43 -32.16 -38.26 -2.69
CA GLY B 43 -32.43 -38.25 -4.11
C GLY B 43 -33.76 -37.64 -4.49
N LYS B 44 -34.73 -37.62 -3.58
CA LYS B 44 -36.00 -37.01 -3.93
C LYS B 44 -35.90 -35.49 -3.85
N LYS B 45 -36.80 -34.83 -4.55
CA LYS B 45 -36.94 -33.39 -4.43
C LYS B 45 -37.34 -33.01 -3.02
N ILE B 46 -36.78 -31.92 -2.51
CA ILE B 46 -37.20 -31.39 -1.22
C ILE B 46 -38.23 -30.30 -1.50
N PRO B 47 -39.36 -30.28 -0.80
CA PRO B 47 -40.49 -29.42 -1.23
C PRO B 47 -40.24 -27.93 -1.03
N LYS B 48 -40.33 -27.42 0.19
CA LYS B 48 -40.26 -25.96 0.40
C LYS B 48 -38.80 -25.53 0.51
N VAL B 49 -38.25 -25.07 -0.60
CA VAL B 49 -36.85 -24.67 -0.70
C VAL B 49 -36.81 -23.19 -1.04
N GLU B 50 -36.22 -22.39 -0.15
CA GLU B 50 -36.30 -20.94 -0.29
C GLU B 50 -35.10 -20.39 -1.06
N MET B 51 -35.39 -19.53 -2.03
CA MET B 51 -34.42 -18.97 -2.96
C MET B 51 -34.17 -17.52 -2.62
N SER B 52 -32.92 -17.18 -2.29
CA SER B 52 -32.57 -15.78 -2.10
C SER B 52 -32.56 -15.04 -3.43
N ASP B 53 -32.91 -13.74 -3.40
CA ASP B 53 -32.88 -12.98 -4.64
C ASP B 53 -31.47 -12.92 -5.18
N MET B 54 -31.32 -13.10 -6.48
CA MET B 54 -29.99 -13.20 -7.05
C MET B 54 -29.37 -11.83 -7.16
N SER B 55 -28.07 -11.77 -6.89
CA SER B 55 -27.29 -10.55 -7.02
C SER B 55 -26.06 -10.84 -7.86
N PHE B 56 -25.22 -9.84 -8.03
CA PHE B 56 -23.89 -10.08 -8.59
C PHE B 56 -22.88 -9.26 -7.80
N SER B 57 -21.61 -9.63 -7.97
CA SER B 57 -20.51 -8.95 -7.30
C SER B 57 -19.69 -8.14 -8.31
N LYS B 58 -18.65 -7.47 -7.80
CA LYS B 58 -17.77 -6.66 -8.65
C LYS B 58 -17.12 -7.48 -9.75
N ASP B 59 -17.03 -8.81 -9.58
CA ASP B 59 -16.69 -9.76 -10.64
C ASP B 59 -17.54 -9.60 -11.88
N TRP B 60 -18.76 -9.08 -11.71
CA TRP B 60 -19.89 -9.22 -12.63
C TRP B 60 -20.63 -10.55 -12.42
N SER B 61 -19.97 -11.52 -11.78
CA SER B 61 -20.50 -12.86 -11.66
C SER B 61 -21.60 -12.90 -10.60
N PHE B 62 -22.52 -13.85 -10.77
CA PHE B 62 -23.72 -13.93 -9.96
C PHE B 62 -23.56 -14.91 -8.79
N TYR B 63 -24.42 -14.72 -7.77
CA TYR B 63 -24.46 -15.60 -6.62
C TYR B 63 -25.88 -15.66 -6.06
N ILE B 64 -26.18 -16.80 -5.44
CA ILE B 64 -27.51 -17.07 -4.92
C ILE B 64 -27.40 -18.14 -3.84
N LEU B 65 -28.31 -18.09 -2.87
CA LEU B 65 -28.31 -19.03 -1.77
C LEU B 65 -29.68 -19.71 -1.71
N ALA B 66 -29.69 -21.05 -1.81
CA ALA B 66 -30.89 -21.84 -1.58
C ALA B 66 -30.76 -22.49 -0.22
N HIS B 67 -31.90 -22.75 0.42
CA HIS B 67 -31.80 -23.36 1.73
C HIS B 67 -33.13 -23.98 2.11
N THR B 68 -33.07 -24.92 3.05
CA THR B 68 -34.28 -25.57 3.49
C THR B 68 -34.09 -26.11 4.89
N GLU B 69 -35.16 -26.14 5.66
CA GLU B 69 -35.06 -26.76 6.97
C GLU B 69 -34.86 -28.27 6.77
N PHE B 70 -34.07 -28.90 7.63
CA PHE B 70 -33.92 -30.35 7.62
C PHE B 70 -33.44 -30.81 8.98
N THR B 71 -33.53 -32.12 9.20
CA THR B 71 -33.10 -32.75 10.44
C THR B 71 -32.21 -33.94 10.11
N PRO B 72 -30.89 -33.76 10.12
CA PRO B 72 -30.00 -34.83 9.66
C PRO B 72 -29.88 -35.92 10.71
N THR B 73 -29.80 -37.16 10.21
CA THR B 73 -29.74 -38.33 11.08
C THR B 73 -28.58 -39.24 10.65
N GLU B 74 -28.67 -40.53 10.96
CA GLU B 74 -27.56 -41.44 10.66
C GLU B 74 -27.52 -41.78 9.17
N THR B 75 -28.58 -42.42 8.66
CA THR B 75 -28.60 -42.92 7.28
C THR B 75 -29.42 -42.03 6.35
N ASP B 76 -29.28 -40.71 6.47
CA ASP B 76 -29.95 -39.75 5.59
C ASP B 76 -28.90 -39.03 4.73
N THR B 77 -29.17 -38.90 3.43
CA THR B 77 -28.24 -38.31 2.47
C THR B 77 -28.85 -37.08 1.79
N TYR B 78 -28.17 -35.94 1.90
CA TYR B 78 -28.66 -34.69 1.35
C TYR B 78 -27.70 -34.19 0.29
N ALA B 79 -28.25 -33.53 -0.72
CA ALA B 79 -27.46 -33.04 -1.83
C ALA B 79 -28.04 -31.74 -2.38
N CYS B 80 -27.22 -31.07 -3.17
CA CYS B 80 -27.63 -29.97 -4.03
C CYS B 80 -27.20 -30.26 -5.46
N ARG B 81 -28.13 -30.19 -6.39
CA ARG B 81 -27.88 -30.36 -7.81
C ARG B 81 -27.98 -29.01 -8.50
N VAL B 82 -27.00 -28.72 -9.38
CA VAL B 82 -26.91 -27.42 -10.02
C VAL B 82 -26.77 -27.64 -11.52
N LYS B 83 -27.77 -27.20 -12.28
CA LYS B 83 -27.72 -27.16 -13.73
C LYS B 83 -27.33 -25.75 -14.15
N HIS B 84 -26.23 -25.65 -14.89
CA HIS B 84 -25.80 -24.39 -15.47
C HIS B 84 -25.08 -24.67 -16.77
N ALA B 85 -25.44 -23.93 -17.82
CA ALA B 85 -24.78 -24.08 -19.11
C ALA B 85 -23.37 -23.51 -19.08
N SER B 86 -22.46 -24.15 -18.33
CA SER B 86 -21.05 -23.76 -18.33
C SER B 86 -20.19 -24.96 -17.99
N MET B 87 -20.82 -26.07 -17.62
CA MET B 87 -20.11 -27.26 -17.25
C MET B 87 -20.56 -28.41 -18.15
N ALA B 88 -19.97 -29.59 -17.93
CA ALA B 88 -20.23 -30.75 -18.78
C ALA B 88 -21.60 -31.37 -18.51
N GLU B 89 -22.09 -31.27 -17.27
CA GLU B 89 -23.38 -31.82 -16.90
C GLU B 89 -23.79 -31.19 -15.57
N PRO B 90 -25.03 -31.42 -15.12
CA PRO B 90 -25.43 -30.95 -13.78
C PRO B 90 -24.53 -31.50 -12.68
N LYS B 91 -24.00 -30.61 -11.84
CA LYS B 91 -23.10 -31.04 -10.77
C LYS B 91 -23.92 -31.35 -9.53
N THR B 92 -23.75 -32.55 -9.00
CA THR B 92 -24.45 -33.02 -7.80
C THR B 92 -23.43 -33.00 -6.67
N VAL B 93 -23.54 -32.03 -5.76
CA VAL B 93 -22.63 -31.92 -4.62
C VAL B 93 -23.32 -32.44 -3.38
N TYR B 94 -22.68 -33.39 -2.71
CA TYR B 94 -23.27 -34.04 -1.55
C TYR B 94 -22.82 -33.32 -0.28
N TRP B 95 -23.73 -33.25 0.69
CA TRP B 95 -23.41 -32.64 1.97
C TRP B 95 -22.42 -33.48 2.78
N ASP B 96 -21.44 -32.81 3.38
CA ASP B 96 -20.39 -33.40 4.21
C ASP B 96 -20.38 -32.69 5.56
N ARG B 97 -20.44 -33.46 6.65
CA ARG B 97 -20.40 -32.86 7.99
C ARG B 97 -19.06 -32.21 8.30
N ASP B 98 -17.97 -32.67 7.67
CA ASP B 98 -16.61 -32.15 7.88
C ASP B 98 -16.30 -30.90 7.07
N MET B 99 -17.22 -30.44 6.21
CA MET B 99 -16.91 -29.38 5.26
C MET B 99 -17.98 -28.28 5.30
N SER C 1 11.80 -16.37 -6.06
CA SER C 1 11.50 -15.79 -7.36
C SER C 1 10.30 -14.86 -7.22
N VAL C 2 10.16 -14.26 -6.04
CA VAL C 2 9.13 -13.26 -5.76
C VAL C 2 9.75 -11.88 -5.93
N GLN C 3 9.06 -11.01 -6.69
CA GLN C 3 9.56 -9.65 -6.91
C GLN C 3 8.41 -8.65 -6.80
N LEU C 4 8.68 -7.54 -6.12
CA LEU C 4 7.74 -6.43 -6.00
C LEU C 4 8.38 -5.21 -6.65
N GLN C 5 7.90 -4.86 -7.84
CA GLN C 5 8.43 -3.73 -8.59
C GLN C 5 7.56 -2.51 -8.32
N GLN C 6 8.15 -1.46 -7.76
CA GLN C 6 7.41 -0.25 -7.45
C GLN C 6 7.67 0.79 -8.52
N SER C 7 6.71 1.69 -8.68
CA SER C 7 6.82 2.74 -9.67
C SER C 7 7.86 3.77 -9.23
N GLY C 8 8.32 4.58 -10.19
CA GLY C 8 9.44 5.48 -9.96
C GLY C 8 9.11 6.71 -9.12
N ALA C 9 10.15 7.49 -8.86
CA ALA C 9 10.05 8.68 -8.01
C ALA C 9 8.95 9.62 -8.51
N GLU C 10 8.33 10.34 -7.57
CA GLU C 10 7.03 10.95 -7.83
C GLU C 10 7.13 12.47 -7.91
N LEU C 11 7.37 13.17 -6.78
CA LEU C 11 7.35 14.65 -6.79
C LEU C 11 5.99 15.30 -7.14
N ALA C 12 5.47 16.14 -6.24
CA ALA C 12 4.11 16.62 -6.35
C ALA C 12 3.93 17.92 -5.58
N LYS C 13 2.95 18.73 -6.01
CA LYS C 13 2.72 20.02 -5.37
C LYS C 13 1.91 19.86 -4.10
N PRO C 14 2.13 20.72 -3.11
CA PRO C 14 1.25 20.74 -1.94
C PRO C 14 -0.22 20.76 -2.34
N GLY C 15 -1.02 19.98 -1.62
CA GLY C 15 -2.44 19.94 -1.89
C GLY C 15 -2.85 19.04 -3.03
N ALA C 16 -1.90 18.52 -3.83
CA ALA C 16 -2.22 17.55 -4.87
C ALA C 16 -2.40 16.16 -4.26
N SER C 17 -2.56 15.16 -5.11
CA SER C 17 -2.59 13.77 -4.70
C SER C 17 -1.62 13.00 -5.59
N VAL C 18 -1.09 11.88 -5.07
CA VAL C 18 -0.28 10.99 -5.89
C VAL C 18 -0.83 9.58 -5.81
N LYS C 19 -0.55 8.80 -6.85
CA LYS C 19 -0.83 7.36 -6.88
C LYS C 19 0.47 6.64 -7.22
N MET C 20 0.95 5.80 -6.30
CA MET C 20 2.12 4.97 -6.54
C MET C 20 1.71 3.51 -6.66
N SER C 21 2.42 2.75 -7.49
CA SER C 21 2.06 1.36 -7.79
C SER C 21 3.14 0.37 -7.38
N CYS C 22 2.72 -0.88 -7.16
CA CYS C 22 3.59 -1.99 -6.76
C CYS C 22 3.11 -3.23 -7.48
N LYS C 23 3.87 -3.72 -8.44
CA LYS C 23 3.49 -4.88 -9.23
C LYS C 23 4.13 -6.14 -8.63
N ALA C 24 3.32 -7.17 -8.43
CA ALA C 24 3.78 -8.40 -7.78
C ALA C 24 3.99 -9.48 -8.83
N SER C 25 5.15 -10.13 -8.80
CA SER C 25 5.42 -11.27 -9.67
C SER C 25 6.00 -12.42 -8.85
N GLY C 26 5.78 -13.63 -9.37
CA GLY C 26 6.40 -14.82 -8.82
C GLY C 26 5.53 -15.62 -7.87
N TYR C 27 4.31 -15.16 -7.60
CA TYR C 27 3.42 -15.79 -6.64
C TYR C 27 2.01 -15.36 -6.98
N ASN C 28 1.03 -16.12 -6.49
CA ASN C 28 -0.37 -15.77 -6.67
C ASN C 28 -0.71 -14.53 -5.85
N PHE C 29 -0.95 -13.42 -6.58
CA PHE C 29 -1.12 -12.08 -6.02
C PHE C 29 -2.24 -12.01 -4.98
N THR C 30 -3.37 -12.67 -5.23
CA THR C 30 -4.51 -12.49 -4.32
C THR C 30 -4.43 -13.32 -3.04
N THR C 31 -3.47 -14.23 -2.92
CA THR C 31 -3.44 -15.11 -1.75
C THR C 31 -2.67 -14.53 -0.57
N TYR C 32 -2.05 -13.32 -0.71
CA TYR C 32 -1.31 -12.68 0.38
C TYR C 32 -1.71 -11.22 0.50
N TRP C 33 -1.73 -10.75 1.74
CA TRP C 33 -1.88 -9.33 1.99
C TRP C 33 -0.73 -8.53 1.38
N MET C 34 -1.03 -7.31 0.91
CA MET C 34 0.01 -6.35 0.58
C MET C 34 0.00 -5.23 1.63
N HIS C 35 1.16 -4.95 2.20
CA HIS C 35 1.33 -3.92 3.20
C HIS C 35 2.06 -2.74 2.59
N TRP C 36 1.87 -1.57 3.19
CA TRP C 36 2.55 -0.35 2.79
C TRP C 36 3.22 0.25 4.00
N VAL C 37 4.47 0.72 3.82
CA VAL C 37 5.33 1.21 4.89
C VAL C 37 5.95 2.55 4.48
N ARG C 38 5.98 3.50 5.41
CA ARG C 38 6.51 4.84 5.14
C ARG C 38 7.76 5.09 5.98
N GLN C 39 8.78 5.65 5.36
CA GLN C 39 9.97 6.11 6.07
C GLN C 39 10.28 7.55 5.68
N ARG C 40 10.20 8.45 6.62
CA ARG C 40 10.56 9.83 6.34
C ARG C 40 12.07 9.99 6.42
N PRO C 41 12.63 11.02 5.76
CA PRO C 41 14.08 11.23 5.83
C PRO C 41 14.61 11.26 7.24
N GLY C 42 15.52 10.33 7.53
CA GLY C 42 16.15 10.22 8.84
C GLY C 42 15.37 9.42 9.85
N GLN C 43 14.16 8.98 9.53
CA GLN C 43 13.31 8.33 10.52
C GLN C 43 13.30 6.81 10.33
N GLY C 44 12.57 6.11 11.19
CA GLY C 44 12.42 4.68 11.08
C GLY C 44 11.31 4.29 10.13
N LEU C 45 10.81 3.08 10.31
CA LEU C 45 9.74 2.56 9.48
C LEU C 45 8.41 2.74 10.20
N GLU C 46 7.40 3.24 9.47
CA GLU C 46 6.05 3.25 9.99
C GLU C 46 5.17 2.40 9.11
N TRP C 47 4.28 1.65 9.75
CA TRP C 47 3.29 0.82 9.06
C TRP C 47 2.06 1.68 8.72
N ILE C 48 1.64 1.66 7.46
CA ILE C 48 0.48 2.43 6.98
C ILE C 48 -0.78 1.60 7.10
N GLY C 49 -0.75 0.41 6.50
CA GLY C 49 -1.92 -0.41 6.37
C GLY C 49 -1.65 -1.53 5.38
N TYR C 50 -2.70 -2.34 5.18
CA TYR C 50 -2.64 -3.44 4.24
C TYR C 50 -3.94 -3.53 3.49
N ILE C 51 -3.84 -4.18 2.35
CA ILE C 51 -4.95 -4.51 1.49
C ILE C 51 -4.94 -6.02 1.27
N ASN C 52 -6.12 -6.59 1.23
CA ASN C 52 -6.31 -7.99 0.87
C ASN C 52 -6.83 -7.99 -0.56
N PRO C 53 -5.98 -8.33 -1.53
CA PRO C 53 -6.35 -8.15 -2.95
C PRO C 53 -7.46 -9.09 -3.41
N SER C 54 -7.62 -10.26 -2.79
CA SER C 54 -8.80 -11.08 -3.07
C SER C 54 -10.08 -10.24 -3.06
N SER C 55 -10.35 -9.55 -1.95
CA SER C 55 -11.62 -8.85 -1.77
C SER C 55 -11.50 -7.35 -1.97
N GLY C 56 -10.30 -6.80 -1.93
CA GLY C 56 -10.12 -5.37 -1.83
C GLY C 56 -10.20 -4.83 -0.43
N TYR C 57 -10.23 -5.69 0.58
CA TYR C 57 -10.44 -5.19 1.94
C TYR C 57 -9.20 -4.46 2.45
N THR C 58 -9.38 -3.40 3.23
CA THR C 58 -8.26 -2.58 3.67
C THR C 58 -8.35 -2.27 5.16
N GLU C 59 -7.19 -2.22 5.79
CA GLU C 59 -7.11 -1.90 7.24
C GLU C 59 -5.92 -0.96 7.40
N PHE C 60 -6.02 0.00 8.30
CA PHE C 60 -4.94 0.99 8.37
C PHE C 60 -4.52 1.28 9.79
N ASN C 61 -3.29 1.77 9.90
CA ASN C 61 -2.81 2.37 11.16
C ASN C 61 -3.65 3.65 11.24
N GLN C 62 -4.34 3.89 12.34
CA GLN C 62 -5.29 5.03 12.42
C GLN C 62 -4.67 6.36 11.98
N LYS C 63 -3.36 6.54 12.04
CA LYS C 63 -2.90 7.88 11.70
C LYS C 63 -2.90 8.15 10.20
N PHE C 64 -3.12 7.14 9.36
CA PHE C 64 -3.13 7.34 7.92
C PHE C 64 -4.53 7.26 7.32
N LYS C 65 -5.57 7.22 8.15
CA LYS C 65 -6.94 7.00 7.67
C LYS C 65 -7.35 8.04 6.63
N GLY C 66 -7.23 9.32 6.97
CA GLY C 66 -7.63 10.27 5.96
C GLY C 66 -6.58 10.64 4.92
N LYS C 67 -5.40 10.03 5.00
CA LYS C 67 -4.29 10.35 4.11
C LYS C 67 -4.17 9.36 2.95
N ALA C 68 -4.25 8.07 3.23
CA ALA C 68 -3.95 7.02 2.27
C ALA C 68 -5.21 6.24 1.88
N THR C 69 -5.18 5.71 0.65
CA THR C 69 -6.23 4.86 0.11
C THR C 69 -5.52 3.74 -0.61
N LEU C 70 -5.90 2.49 -0.33
CA LEU C 70 -5.23 1.32 -0.88
C LEU C 70 -6.16 0.62 -1.87
N THR C 71 -5.64 0.25 -3.03
CA THR C 71 -6.41 -0.47 -4.04
C THR C 71 -5.55 -1.55 -4.70
N ALA C 72 -6.21 -2.54 -5.28
CA ALA C 72 -5.52 -3.60 -6.02
C ALA C 72 -6.22 -3.84 -7.35
N ASP C 73 -5.44 -4.08 -8.40
CA ASP C 73 -5.91 -4.49 -9.72
C ASP C 73 -5.39 -5.91 -9.96
N LYS C 74 -6.27 -6.89 -9.85
CA LYS C 74 -5.77 -8.25 -9.96
C LYS C 74 -5.60 -8.68 -11.40
N SER C 75 -6.22 -7.97 -12.35
CA SER C 75 -5.96 -8.30 -13.74
C SER C 75 -4.51 -8.01 -14.09
N SER C 76 -3.89 -7.02 -13.43
CA SER C 76 -2.49 -6.64 -13.66
C SER C 76 -1.57 -6.98 -12.48
N ASN C 77 -2.09 -7.65 -11.44
CA ASN C 77 -1.26 -8.07 -10.30
C ASN C 77 -0.59 -6.90 -9.59
N THR C 78 -1.31 -5.80 -9.36
CA THR C 78 -0.70 -4.55 -8.93
C THR C 78 -1.48 -3.90 -7.80
N ALA C 79 -0.79 -3.49 -6.74
CA ALA C 79 -1.38 -2.69 -5.67
C ALA C 79 -1.04 -1.21 -5.87
N TYR C 80 -1.85 -0.35 -5.27
CA TYR C 80 -1.69 1.09 -5.41
C TYR C 80 -1.95 1.74 -4.07
N ILE C 81 -1.12 2.73 -3.74
CA ILE C 81 -1.40 3.63 -2.64
C ILE C 81 -1.64 5.02 -3.22
N GLN C 82 -2.76 5.62 -2.84
CA GLN C 82 -3.05 7.01 -3.19
C GLN C 82 -3.00 7.86 -1.93
N LEU C 83 -2.21 8.92 -1.97
CA LEU C 83 -2.19 9.90 -0.90
C LEU C 83 -2.81 11.19 -1.41
N THR C 84 -3.62 11.83 -0.57
CA THR C 84 -4.33 13.04 -0.92
C THR C 84 -3.91 14.19 -0.01
N SER C 85 -4.21 15.42 -0.46
CA SER C 85 -3.92 16.66 0.28
C SER C 85 -2.46 16.70 0.72
N LEU C 86 -1.56 16.60 -0.26
CA LEU C 86 -0.16 16.42 0.08
C LEU C 86 0.41 17.64 0.78
N THR C 87 1.18 17.40 1.84
CA THR C 87 2.00 18.40 2.50
C THR C 87 3.43 17.91 2.57
N SER C 88 4.32 18.80 3.01
CA SER C 88 5.71 18.41 3.15
C SER C 88 5.92 17.27 4.15
N ASP C 89 4.94 17.02 5.01
CA ASP C 89 5.04 15.87 5.90
C ASP C 89 5.00 14.56 5.12
N ASP C 90 4.35 14.53 3.95
CA ASP C 90 4.19 13.28 3.22
C ASP C 90 5.42 12.91 2.40
N SER C 91 6.43 13.77 2.31
CA SER C 91 7.63 13.44 1.57
C SER C 91 8.40 12.33 2.27
N ALA C 92 8.62 11.21 1.59
CA ALA C 92 9.15 10.01 2.24
C ALA C 92 9.41 8.93 1.20
N ILE C 93 9.96 7.80 1.68
CA ILE C 93 10.00 6.57 0.91
C ILE C 93 8.80 5.73 1.28
N TYR C 94 8.15 5.14 0.27
CA TYR C 94 6.99 4.26 0.44
C TYR C 94 7.33 2.89 -0.12
N TYR C 95 7.31 1.86 0.73
CA TYR C 95 7.51 0.48 0.29
C TYR C 95 6.20 -0.29 0.33
N CYS C 96 6.04 -1.22 -0.61
CA CYS C 96 5.07 -2.30 -0.49
C CYS C 96 5.80 -3.55 -0.02
N ALA C 97 5.09 -4.42 0.71
CA ALA C 97 5.67 -5.65 1.25
C ALA C 97 4.60 -6.73 1.40
N ARG C 98 4.98 -7.98 1.14
CA ARG C 98 4.06 -9.10 1.16
C ARG C 98 3.97 -9.79 2.53
N SER C 99 2.76 -10.29 2.82
CA SER C 99 2.40 -11.32 3.80
C SER C 99 1.56 -10.75 4.93
N PHE C 100 1.56 -11.40 6.09
CA PHE C 100 0.49 -11.17 7.06
C PHE C 100 1.02 -10.51 8.34
N TYR C 101 1.70 -11.24 9.22
CA TYR C 101 2.28 -10.62 10.41
C TYR C 101 3.78 -10.35 10.24
N TYR C 102 4.41 -10.87 9.20
CA TYR C 102 5.75 -10.44 8.81
C TYR C 102 5.75 -10.06 7.34
N PHE C 103 6.81 -9.38 6.90
CA PHE C 103 6.88 -8.85 5.54
C PHE C 103 7.96 -9.62 4.80
N ASP C 104 7.49 -10.68 4.12
CA ASP C 104 8.31 -11.62 3.35
C ASP C 104 9.26 -10.92 2.38
N TYR C 105 8.71 -10.04 1.55
CA TYR C 105 9.40 -9.47 0.40
C TYR C 105 9.00 -8.02 0.23
N TRP C 106 9.99 -7.16 -0.03
CA TRP C 106 9.79 -5.73 -0.10
C TRP C 106 9.97 -5.25 -1.53
N GLY C 107 9.17 -4.28 -1.94
CA GLY C 107 9.53 -3.52 -3.12
C GLY C 107 10.76 -2.66 -2.86
N GLN C 108 11.32 -2.13 -3.95
CA GLN C 108 12.51 -1.27 -3.81
C GLN C 108 12.18 0.06 -3.17
N GLY C 109 10.91 0.44 -3.08
CA GLY C 109 10.57 1.75 -2.56
C GLY C 109 10.32 2.78 -3.66
N THR C 110 9.38 3.68 -3.41
CA THR C 110 9.11 4.83 -4.25
C THR C 110 9.28 6.09 -3.41
N THR C 111 10.19 6.97 -3.84
CA THR C 111 10.41 8.25 -3.18
C THR C 111 9.41 9.29 -3.67
N LEU C 112 8.80 10.01 -2.73
CA LEU C 112 7.83 11.07 -2.97
C LEU C 112 8.37 12.34 -2.34
N THR C 113 8.53 13.39 -3.13
CA THR C 113 8.89 14.71 -2.63
C THR C 113 7.74 15.67 -2.91
N VAL C 114 7.38 16.46 -1.92
CA VAL C 114 6.28 17.39 -2.02
C VAL C 114 6.89 18.79 -1.97
N SER C 115 6.79 19.51 -3.07
CA SER C 115 7.46 20.79 -3.21
C SER C 115 6.70 21.63 -4.23
N SER C 116 6.58 22.93 -3.95
CA SER C 116 6.07 23.85 -4.96
C SER C 116 7.19 24.47 -5.77
N ALA C 117 8.36 23.84 -5.81
CA ALA C 117 9.51 24.35 -6.53
C ALA C 117 9.46 23.97 -8.01
N LYS C 118 10.08 24.80 -8.83
CA LYS C 118 10.19 24.56 -10.26
C LYS C 118 11.60 24.12 -10.57
N THR C 119 11.77 23.39 -11.67
CA THR C 119 13.12 23.03 -12.12
C THR C 119 13.99 24.27 -12.20
N THR C 120 15.20 24.22 -11.63
CA THR C 120 15.88 25.51 -11.45
C THR C 120 17.37 25.58 -11.80
N ALA C 121 18.09 24.47 -12.00
CA ALA C 121 19.47 24.60 -12.51
C ALA C 121 20.42 25.31 -11.55
N PRO C 122 21.45 24.62 -11.08
CA PRO C 122 22.26 25.17 -9.99
C PRO C 122 23.16 26.30 -10.46
N SER C 123 23.59 27.10 -9.49
CA SER C 123 24.80 27.90 -9.60
C SER C 123 25.96 27.13 -8.96
N VAL C 124 27.10 27.14 -9.64
CA VAL C 124 28.26 26.35 -9.23
C VAL C 124 29.39 27.31 -8.93
N TYR C 125 29.83 27.32 -7.66
CA TYR C 125 30.86 28.23 -7.14
C TYR C 125 32.10 27.45 -6.75
N PRO C 126 33.28 27.86 -7.24
CA PRO C 126 34.51 27.24 -6.78
C PRO C 126 34.88 27.80 -5.42
N LEU C 127 35.47 26.93 -4.58
CA LEU C 127 35.89 27.28 -3.23
C LEU C 127 37.38 27.09 -3.10
N ALA C 128 38.12 28.20 -3.14
CA ALA C 128 39.55 28.19 -2.88
C ALA C 128 39.83 28.75 -1.49
N PRO C 129 40.96 28.37 -0.86
CA PRO C 129 41.28 28.92 0.47
C PRO C 129 41.56 30.43 0.44
N VAL C 130 41.86 31.03 1.59
CA VAL C 130 42.08 32.47 1.67
C VAL C 130 43.57 32.78 1.63
N CYS C 131 43.96 33.87 2.28
CA CYS C 131 45.34 34.35 2.31
C CYS C 131 45.86 34.51 0.89
N THR C 135 51.83 26.41 4.58
CA THR C 135 50.50 26.33 5.19
C THR C 135 49.93 24.89 5.10
N GLY C 136 50.52 23.97 5.85
CA GLY C 136 50.10 22.58 5.84
C GLY C 136 50.68 21.78 4.71
N SER C 137 50.87 20.46 4.93
CA SER C 137 51.32 19.56 3.88
C SER C 137 50.22 19.20 2.89
N SER C 138 48.98 19.59 3.16
CA SER C 138 47.87 19.31 2.26
C SER C 138 46.94 20.52 2.22
N VAL C 139 46.18 20.61 1.13
CA VAL C 139 45.23 21.69 0.92
C VAL C 139 43.92 21.09 0.41
N THR C 140 42.81 21.63 0.88
CA THR C 140 41.51 21.13 0.47
C THR C 140 40.72 22.26 -0.20
N LEU C 141 40.16 21.95 -1.38
CA LEU C 141 39.33 22.86 -2.14
C LEU C 141 37.89 22.37 -2.13
N GLY C 142 36.99 23.22 -2.66
CA GLY C 142 35.57 22.92 -2.59
C GLY C 142 34.85 23.32 -3.86
N CYS C 143 33.61 22.86 -3.94
CA CYS C 143 32.67 23.17 -5.00
C CYS C 143 31.29 23.27 -4.36
N LEU C 144 30.66 24.44 -4.49
CA LEU C 144 29.34 24.70 -3.91
C LEU C 144 28.30 24.72 -5.02
N VAL C 145 27.26 23.90 -4.89
CA VAL C 145 26.24 23.70 -5.92
C VAL C 145 24.90 24.12 -5.30
N LYS C 146 24.46 25.34 -5.61
CA LYS C 146 23.42 26.01 -4.84
C LYS C 146 22.21 26.34 -5.69
N GLY C 147 21.02 26.13 -5.13
CA GLY C 147 19.78 26.62 -5.72
C GLY C 147 19.16 25.80 -6.84
N TYR C 148 19.25 24.47 -6.79
CA TYR C 148 18.75 23.65 -7.89
C TYR C 148 17.53 22.86 -7.45
N PHE C 149 16.78 22.36 -8.45
CA PHE C 149 15.66 21.46 -8.24
C PHE C 149 15.30 20.81 -9.57
N PRO C 150 14.95 19.52 -9.57
CA PRO C 150 14.90 18.60 -8.45
C PRO C 150 16.23 17.88 -8.35
N GLU C 151 16.35 16.90 -7.45
CA GLU C 151 17.44 15.95 -7.49
C GLU C 151 17.33 15.05 -8.72
N PRO C 152 18.42 14.48 -9.18
CA PRO C 152 19.77 14.56 -8.63
C PRO C 152 20.64 15.54 -9.39
N VAL C 153 21.87 15.65 -8.89
CA VAL C 153 22.96 16.31 -9.58
C VAL C 153 24.17 15.39 -9.47
N THR C 154 24.96 15.28 -10.54
CA THR C 154 26.20 14.52 -10.48
C THR C 154 27.38 15.47 -10.41
N LEU C 155 28.32 15.20 -9.51
CA LEU C 155 29.50 16.02 -9.32
C LEU C 155 30.72 15.12 -9.40
N THR C 156 31.71 15.52 -10.19
CA THR C 156 32.99 14.86 -10.23
C THR C 156 34.09 15.89 -10.15
N TRP C 157 35.31 15.40 -9.94
CA TRP C 157 36.51 16.22 -9.92
C TRP C 157 37.46 15.74 -11.02
N ASN C 158 37.94 16.68 -11.83
CA ASN C 158 38.78 16.39 -12.98
C ASN C 158 38.18 15.24 -13.79
N SER C 159 36.91 15.42 -14.15
CA SER C 159 36.20 14.53 -15.07
C SER C 159 36.17 13.10 -14.58
N GLY C 160 36.30 12.92 -13.26
CA GLY C 160 36.25 11.62 -12.64
C GLY C 160 37.60 11.00 -12.34
N SER C 161 38.70 11.68 -12.67
CA SER C 161 40.03 11.13 -12.40
C SER C 161 40.36 11.24 -10.93
N LEU C 162 40.20 12.44 -10.37
CA LEU C 162 40.49 12.69 -8.96
C LEU C 162 39.34 12.19 -8.11
N SER C 163 39.49 11.01 -7.51
CA SER C 163 38.45 10.44 -6.66
C SER C 163 38.90 10.11 -5.25
N SER C 164 40.20 10.02 -5.00
CA SER C 164 40.70 9.86 -3.64
C SER C 164 40.69 11.20 -2.91
N GLY C 165 40.22 11.19 -1.67
CA GLY C 165 40.25 12.40 -0.87
C GLY C 165 39.10 13.34 -1.15
N VAL C 166 37.99 12.81 -1.64
CA VAL C 166 36.81 13.58 -2.01
C VAL C 166 35.70 13.26 -1.02
N HIS C 167 34.98 14.29 -0.61
CA HIS C 167 33.73 14.12 0.14
C HIS C 167 32.68 14.93 -0.60
N THR C 168 31.68 14.25 -1.14
CA THR C 168 30.51 14.90 -1.71
C THR C 168 29.36 14.69 -0.72
N PHE C 169 28.74 15.80 -0.26
CA PHE C 169 27.81 15.70 0.85
C PHE C 169 26.38 15.65 0.34
N PRO C 170 25.50 14.98 1.07
CA PRO C 170 24.07 14.90 0.65
C PRO C 170 23.45 16.29 0.45
N ALA C 171 22.49 16.36 -0.45
CA ALA C 171 21.82 17.62 -0.70
C ALA C 171 20.96 17.99 0.50
N VAL C 172 20.69 19.30 0.65
CA VAL C 172 19.82 19.82 1.72
C VAL C 172 18.95 20.94 1.14
N LEU C 173 17.80 21.19 1.81
CA LEU C 173 16.78 22.17 1.39
C LEU C 173 17.08 23.58 1.93
N GLN C 174 17.38 24.51 1.01
CA GLN C 174 17.62 25.93 1.28
C GLN C 174 16.45 26.71 0.71
N SER C 175 15.68 27.34 1.60
CA SER C 175 14.32 27.79 1.32
C SER C 175 13.53 26.59 0.78
N ASP C 176 13.40 26.49 -0.56
CA ASP C 176 12.68 25.38 -1.20
C ASP C 176 13.51 24.71 -2.30
N LEU C 177 14.82 24.92 -2.33
CA LEU C 177 15.66 24.36 -3.38
C LEU C 177 16.78 23.53 -2.77
N TYR C 178 17.56 22.83 -3.59
CA TYR C 178 18.63 22.01 -3.00
C TYR C 178 19.98 22.69 -3.08
N THR C 179 20.84 22.36 -2.13
CA THR C 179 22.24 22.86 -2.16
C THR C 179 23.15 21.72 -1.74
N LEU C 180 24.17 21.41 -2.54
CA LEU C 180 25.15 20.40 -2.09
C LEU C 180 26.57 20.96 -2.19
N SER C 181 27.52 20.35 -1.51
CA SER C 181 28.91 20.83 -1.56
C SER C 181 29.84 19.63 -1.62
N SER C 182 31.01 19.84 -2.17
CA SER C 182 32.01 18.76 -2.27
C SER C 182 33.38 19.32 -1.95
N SER C 183 34.10 18.62 -1.10
CA SER C 183 35.47 18.99 -0.80
C SER C 183 36.39 17.94 -1.40
N VAL C 184 37.58 18.37 -1.77
CA VAL C 184 38.62 17.50 -2.31
C VAL C 184 39.96 17.96 -1.76
N THR C 185 40.72 17.02 -1.20
CA THR C 185 41.98 17.31 -0.55
C THR C 185 43.11 16.71 -1.38
N VAL C 186 44.08 17.56 -1.76
CA VAL C 186 45.27 17.11 -2.47
C VAL C 186 46.50 17.59 -1.69
N THR C 187 47.69 17.21 -2.14
CA THR C 187 48.90 17.69 -1.49
C THR C 187 49.20 19.13 -1.90
N SER C 188 49.78 19.89 -0.97
CA SER C 188 50.05 21.30 -1.24
C SER C 188 50.95 21.49 -2.45
N SER C 189 51.77 20.49 -2.79
CA SER C 189 52.63 20.61 -3.97
C SER C 189 51.89 20.36 -5.27
N THR C 190 50.66 19.85 -5.20
CA THR C 190 49.90 19.54 -6.41
C THR C 190 48.94 20.65 -6.82
N TRP C 191 48.57 21.53 -5.90
CA TRP C 191 47.70 22.67 -6.24
C TRP C 191 48.30 23.95 -5.66
N PRO C 192 48.34 25.04 -6.43
CA PRO C 192 47.78 25.22 -7.79
C PRO C 192 48.65 24.74 -8.96
N SER C 193 49.63 23.86 -8.75
CA SER C 193 50.54 23.49 -9.84
C SER C 193 49.78 22.85 -10.99
N GLN C 194 48.90 21.90 -10.68
CA GLN C 194 48.06 21.24 -11.68
C GLN C 194 46.66 21.83 -11.61
N SER C 195 45.78 21.36 -12.49
CA SER C 195 44.44 21.90 -12.62
C SER C 195 43.45 21.04 -11.87
N ILE C 196 42.62 21.66 -11.05
CA ILE C 196 41.55 20.95 -10.36
C ILE C 196 40.24 21.64 -10.67
N THR C 197 39.27 20.87 -11.14
CA THR C 197 38.02 21.41 -11.65
C THR C 197 36.88 20.52 -11.19
N CYS C 198 35.78 21.12 -10.74
CA CYS C 198 34.58 20.33 -10.48
C CYS C 198 33.64 20.41 -11.66
N ASN C 199 33.04 19.26 -11.98
CA ASN C 199 32.11 19.09 -13.08
C ASN C 199 30.77 18.73 -12.47
N VAL C 200 29.79 19.59 -12.70
CA VAL C 200 28.46 19.44 -12.15
C VAL C 200 27.50 19.27 -13.32
N ALA C 201 26.68 18.24 -13.26
CA ALA C 201 25.69 17.95 -14.27
C ALA C 201 24.35 17.91 -13.57
N HIS C 202 23.40 18.73 -14.04
CA HIS C 202 22.05 18.66 -13.52
C HIS C 202 21.11 18.19 -14.61
N PRO C 203 20.76 16.90 -14.63
CA PRO C 203 20.07 16.35 -15.80
C PRO C 203 18.69 16.94 -16.03
N ALA C 204 17.99 17.36 -14.98
CA ALA C 204 16.63 17.87 -15.16
C ALA C 204 16.58 19.18 -15.93
N SER C 205 17.67 19.95 -15.97
CA SER C 205 17.75 21.17 -16.77
C SER C 205 18.77 21.05 -17.89
N SER C 206 19.27 19.83 -18.16
CA SER C 206 20.30 19.63 -19.19
C SER C 206 21.52 20.50 -18.89
N THR C 207 21.87 20.62 -17.61
CA THR C 207 22.95 21.51 -17.21
C THR C 207 24.24 20.72 -17.16
N LYS C 208 25.32 21.33 -17.68
CA LYS C 208 26.67 20.79 -17.52
C LYS C 208 27.62 21.97 -17.31
N VAL C 209 28.05 22.17 -16.06
CA VAL C 209 29.00 23.22 -15.70
C VAL C 209 30.35 22.57 -15.37
N ASP C 210 31.43 23.19 -15.86
CA ASP C 210 32.79 22.92 -15.40
C ASP C 210 33.31 24.20 -14.75
N LYS C 211 33.73 24.10 -13.51
CA LYS C 211 34.28 25.25 -12.80
C LYS C 211 35.69 24.89 -12.33
N LYS C 212 36.67 25.64 -12.83
CA LYS C 212 38.06 25.53 -12.40
C LYS C 212 38.23 26.24 -11.07
N ILE C 213 39.17 25.76 -10.27
CA ILE C 213 39.44 26.36 -8.97
C ILE C 213 40.71 27.16 -9.11
N GLU C 214 40.61 28.46 -8.89
CA GLU C 214 41.66 29.43 -9.03
C GLU C 214 42.13 29.92 -7.68
N PRO C 215 43.44 30.17 -7.52
CA PRO C 215 43.96 30.56 -6.22
C PRO C 215 43.56 31.97 -5.80
N VAL C 216 43.96 32.33 -4.57
CA VAL C 216 43.63 33.60 -3.91
C VAL C 216 42.11 33.79 -3.92
N GLY C 217 41.41 33.18 -2.95
CA GLY C 217 39.97 33.28 -2.87
C GLY C 217 39.24 32.71 -1.67
N LEU D 1 -1.57 1.28 20.72
CA LEU D 1 -0.64 0.59 19.81
C LEU D 1 0.56 0.09 20.62
N ILE D 2 1.06 -1.11 20.34
CA ILE D 2 2.17 -1.66 21.11
C ILE D 2 3.47 -0.94 20.76
N SER D 3 4.17 -0.44 21.78
CA SER D 3 5.40 0.34 21.56
C SER D 3 6.62 -0.56 21.54
N MET D 4 7.39 -0.47 20.45
CA MET D 4 8.65 -1.19 20.26
C MET D 4 9.83 -0.25 20.49
N THR D 5 10.64 -0.54 21.49
CA THR D 5 11.83 0.25 21.78
C THR D 5 13.08 -0.57 21.54
N GLN D 6 14.01 -0.01 20.78
CA GLN D 6 15.35 -0.57 20.66
C GLN D 6 16.32 0.30 21.45
N THR D 7 17.39 -0.31 21.94
CA THR D 7 18.43 0.54 22.51
C THR D 7 19.78 -0.08 22.20
N PRO D 8 20.66 0.67 21.53
CA PRO D 8 20.50 2.08 21.17
C PRO D 8 20.11 2.29 19.73
N SER D 9 20.27 3.55 19.30
CA SER D 9 20.05 3.97 17.93
C SER D 9 21.28 3.72 17.08
N SER D 10 22.46 3.74 17.70
CA SER D 10 23.71 3.46 17.02
C SER D 10 24.47 2.42 17.84
N LEU D 11 25.03 1.43 17.15
CA LEU D 11 25.88 0.43 17.77
C LEU D 11 27.21 0.38 17.06
N SER D 12 28.30 0.35 17.82
CA SER D 12 29.64 0.27 17.25
C SER D 12 30.22 -1.13 17.47
N ALA D 13 30.81 -1.68 16.40
CA ALA D 13 31.32 -3.04 16.39
C ALA D 13 32.53 -3.11 15.46
N SER D 14 33.23 -4.25 15.52
CA SER D 14 34.33 -4.51 14.60
C SER D 14 34.05 -5.78 13.81
N LEU D 15 34.69 -5.89 12.64
CA LEU D 15 34.47 -7.03 11.77
C LEU D 15 34.98 -8.28 12.48
N GLY D 16 34.13 -9.31 12.58
CA GLY D 16 34.43 -10.51 13.32
C GLY D 16 33.74 -10.62 14.66
N ASP D 17 33.09 -9.56 15.13
CA ASP D 17 32.47 -9.50 16.44
C ASP D 17 31.12 -10.21 16.46
N ARG D 18 30.63 -10.47 17.68
CA ARG D 18 29.31 -11.05 17.92
C ARG D 18 28.38 -9.92 18.38
N VAL D 19 27.69 -9.30 17.41
CA VAL D 19 26.83 -8.14 17.66
C VAL D 19 25.45 -8.61 18.12
N THR D 20 24.92 -7.96 19.15
CA THR D 20 23.56 -8.21 19.62
C THR D 20 22.79 -6.91 19.62
N ILE D 21 21.57 -6.93 19.08
CA ILE D 21 20.65 -5.80 19.05
C ILE D 21 19.38 -6.23 19.76
N SER D 22 18.90 -5.40 20.68
CA SER D 22 17.78 -5.75 21.53
C SER D 22 16.53 -4.95 21.17
N CYS D 23 15.37 -5.53 21.48
CA CYS D 23 14.05 -4.97 21.23
C CYS D 23 13.16 -5.29 22.42
N ARG D 24 12.39 -4.28 22.87
CA ARG D 24 11.49 -4.41 24.01
C ARG D 24 10.11 -3.93 23.62
N ALA D 25 9.09 -4.76 23.86
CA ALA D 25 7.72 -4.38 23.55
C ALA D 25 7.03 -3.88 24.81
N SER D 26 6.08 -2.96 24.64
CA SER D 26 5.32 -2.43 25.77
C SER D 26 4.39 -3.47 26.38
N GLN D 27 4.15 -4.58 25.69
CA GLN D 27 3.41 -5.70 26.27
C GLN D 27 3.82 -6.99 25.59
N ASP D 28 3.49 -8.09 26.24
CA ASP D 28 3.78 -9.44 25.75
C ASP D 28 3.25 -9.67 24.33
N ILE D 29 4.15 -10.05 23.42
CA ILE D 29 3.80 -10.22 22.02
C ILE D 29 3.92 -11.67 21.52
N SER D 30 4.10 -12.65 22.43
CA SER D 30 3.96 -14.08 22.12
C SER D 30 4.85 -14.53 20.96
N ASN D 31 6.07 -13.99 20.89
CA ASN D 31 7.08 -14.33 19.91
C ASN D 31 6.75 -13.90 18.47
N TYR D 32 5.65 -13.17 18.25
CA TYR D 32 5.34 -12.63 16.92
C TYR D 32 6.19 -11.39 16.69
N LEU D 33 7.49 -11.63 16.57
CA LEU D 33 8.52 -10.58 16.54
C LEU D 33 9.43 -10.86 15.36
N ASN D 34 9.68 -9.84 14.55
CA ASN D 34 10.41 -10.01 13.30
C ASN D 34 11.48 -8.94 13.19
N TRP D 35 12.49 -9.25 12.38
CA TRP D 35 13.70 -8.43 12.20
C TRP D 35 13.96 -8.23 10.72
N TYR D 36 14.11 -6.95 10.32
CA TYR D 36 14.45 -6.51 8.97
C TYR D 36 15.79 -5.80 8.96
N GLN D 37 16.47 -5.87 7.83
CA GLN D 37 17.73 -5.16 7.61
C GLN D 37 17.56 -4.17 6.47
N GLN D 38 17.85 -2.90 6.73
CA GLN D 38 17.87 -1.86 5.71
C GLN D 38 19.30 -1.42 5.48
N LYS D 39 19.82 -1.72 4.28
CA LYS D 39 21.19 -1.37 3.92
C LYS D 39 21.27 0.15 3.70
N PRO D 40 22.46 0.73 3.83
CA PRO D 40 22.58 2.18 3.62
C PRO D 40 22.00 2.67 2.31
N ASP D 41 22.09 1.90 1.23
CA ASP D 41 21.60 2.38 -0.07
C ASP D 41 20.07 2.39 -0.14
N GLY D 42 19.39 1.42 0.46
CA GLY D 42 17.96 1.38 0.36
C GLY D 42 17.27 0.06 0.69
N PRO D 43 17.65 -1.03 0.01
CA PRO D 43 16.84 -2.26 0.06
C PRO D 43 16.55 -2.73 1.47
N VAL D 44 15.32 -3.24 1.68
CA VAL D 44 14.87 -3.77 2.95
C VAL D 44 14.56 -5.26 2.78
N LYS D 45 15.23 -6.13 3.54
CA LYS D 45 14.98 -7.56 3.47
C LYS D 45 14.58 -8.09 4.84
N LEU D 46 13.69 -9.09 4.86
CA LEU D 46 13.39 -9.83 6.08
C LEU D 46 14.55 -10.76 6.41
N LEU D 47 15.02 -10.71 7.65
CA LEU D 47 16.06 -11.58 8.19
C LEU D 47 15.47 -12.66 9.09
N ILE D 48 14.73 -12.26 10.12
CA ILE D 48 14.22 -13.22 11.09
C ILE D 48 12.73 -13.00 11.27
N TYR D 49 11.95 -14.08 11.23
CA TYR D 49 10.54 -13.99 11.56
C TYR D 49 10.22 -14.90 12.73
N TYR D 50 9.13 -14.58 13.43
CA TYR D 50 8.65 -15.39 14.55
C TYR D 50 9.75 -15.69 15.58
N THR D 51 10.50 -14.62 15.97
CA THR D 51 11.55 -14.66 16.99
C THR D 51 12.84 -15.32 16.53
N SER D 52 12.77 -16.54 16.02
CA SER D 52 13.99 -17.29 15.77
C SER D 52 14.08 -17.95 14.39
N ARG D 53 13.09 -17.79 13.54
CA ARG D 53 13.08 -18.46 12.24
C ARG D 53 13.83 -17.64 11.19
N LEU D 54 14.80 -18.28 10.55
CA LEU D 54 15.63 -17.67 9.52
C LEU D 54 14.90 -17.69 8.20
N HIS D 55 14.57 -16.51 7.68
CA HIS D 55 14.02 -16.40 6.34
C HIS D 55 14.99 -16.99 5.31
N SER D 56 14.43 -17.61 4.27
CA SER D 56 15.26 -18.28 3.28
C SER D 56 16.08 -17.25 2.49
N GLY D 57 17.38 -17.57 2.34
CA GLY D 57 18.36 -16.70 1.77
C GLY D 57 19.29 -16.09 2.80
N VAL D 58 18.83 -15.93 4.03
CA VAL D 58 19.59 -15.20 5.04
C VAL D 58 20.70 -16.11 5.59
N PRO D 59 21.95 -15.64 5.61
CA PRO D 59 23.05 -16.45 6.13
C PRO D 59 22.83 -16.85 7.59
N SER D 60 23.35 -18.02 7.93
CA SER D 60 23.01 -18.62 9.22
C SER D 60 23.69 -17.95 10.41
N ARG D 61 24.62 -17.02 10.18
CA ARG D 61 25.17 -16.25 11.31
C ARG D 61 24.12 -15.33 11.94
N PHE D 62 22.97 -15.14 11.29
CA PHE D 62 21.89 -14.40 11.92
C PHE D 62 21.05 -15.35 12.79
N SER D 63 20.88 -14.99 14.05
CA SER D 63 20.10 -15.79 14.96
C SER D 63 19.16 -14.87 15.73
N GLY D 64 18.03 -15.41 16.14
CA GLY D 64 17.03 -14.63 16.83
C GLY D 64 16.58 -15.35 18.07
N SER D 65 16.36 -14.58 19.14
CA SER D 65 15.86 -15.18 20.37
C SER D 65 14.99 -14.19 21.13
N GLY D 66 14.34 -14.68 22.18
CA GLY D 66 13.50 -13.83 23.00
C GLY D 66 12.16 -14.45 23.37
N SER D 67 11.40 -13.71 24.15
CA SER D 67 10.12 -14.18 24.68
C SER D 67 9.45 -13.01 25.36
N GLY D 68 8.17 -13.20 25.70
CA GLY D 68 7.42 -12.21 26.46
C GLY D 68 7.55 -10.81 25.89
N THR D 69 8.46 -10.03 26.45
CA THR D 69 8.60 -8.65 26.03
C THR D 69 10.01 -8.30 25.56
N ASP D 70 10.99 -9.18 25.71
CA ASP D 70 12.36 -8.90 25.31
C ASP D 70 12.80 -9.86 24.19
N TYR D 71 13.36 -9.29 23.13
CA TYR D 71 13.82 -10.06 21.98
C TYR D 71 15.16 -9.51 21.54
N SER D 72 15.91 -10.33 20.80
CA SER D 72 17.27 -9.95 20.39
C SER D 72 17.65 -10.63 19.09
N LEU D 73 18.41 -9.91 18.26
CA LEU D 73 19.03 -10.46 17.07
C LEU D 73 20.54 -10.49 17.32
N THR D 74 21.19 -11.61 16.97
CA THR D 74 22.64 -11.65 17.04
C THR D 74 23.21 -12.04 15.69
N ILE D 75 24.31 -11.38 15.34
CA ILE D 75 25.17 -11.75 14.23
C ILE D 75 26.45 -12.26 14.85
N SER D 76 26.83 -13.49 14.52
CA SER D 76 27.94 -14.14 15.23
C SER D 76 29.31 -13.71 14.71
N ASN D 77 29.41 -13.40 13.42
CA ASN D 77 30.65 -12.98 12.78
C ASN D 77 30.31 -11.79 11.88
N LEU D 78 30.50 -10.58 12.40
CA LEU D 78 30.10 -9.38 11.66
C LEU D 78 30.92 -9.25 10.38
N GLU D 79 30.26 -9.33 9.25
CA GLU D 79 30.91 -9.09 7.96
C GLU D 79 30.60 -7.67 7.49
N GLN D 80 31.34 -7.23 6.48
CA GLN D 80 31.18 -5.87 5.93
C GLN D 80 29.77 -5.64 5.41
N GLU D 81 29.22 -6.63 4.70
CA GLU D 81 27.88 -6.49 4.19
C GLU D 81 26.82 -6.46 5.28
N ASP D 82 27.19 -6.71 6.54
CA ASP D 82 26.24 -6.64 7.65
C ASP D 82 26.13 -5.25 8.27
N ILE D 83 27.01 -4.31 7.89
CA ILE D 83 26.92 -2.95 8.39
C ILE D 83 25.67 -2.32 7.77
N ALA D 84 24.62 -2.18 8.57
CA ALA D 84 23.30 -1.81 8.07
C ALA D 84 22.51 -1.24 9.25
N THR D 85 21.20 -1.02 9.03
CA THR D 85 20.28 -0.64 10.08
C THR D 85 19.29 -1.79 10.28
N TYR D 86 18.86 -2.03 11.51
CA TYR D 86 18.07 -3.23 11.82
C TYR D 86 16.81 -2.87 12.57
N PHE D 87 15.67 -3.32 12.09
CA PHE D 87 14.38 -2.96 12.69
C PHE D 87 13.68 -4.19 13.26
N CYS D 88 13.12 -4.04 14.44
CA CYS D 88 12.19 -5.04 14.95
C CYS D 88 10.76 -4.59 14.64
N GLN D 89 9.86 -5.58 14.58
CA GLN D 89 8.46 -5.33 14.24
C GLN D 89 7.59 -6.37 14.95
N GLN D 90 6.57 -5.91 15.67
CA GLN D 90 5.68 -6.85 16.35
C GLN D 90 4.49 -7.17 15.45
N GLY D 91 4.11 -8.45 15.44
CA GLY D 91 2.99 -8.90 14.63
C GLY D 91 1.89 -9.50 15.47
N ASN D 92 1.72 -8.95 16.67
CA ASN D 92 0.81 -9.52 17.66
C ASN D 92 -0.55 -8.85 17.64
N THR D 93 -0.60 -7.55 17.88
CA THR D 93 -1.84 -6.80 17.84
C THR D 93 -1.73 -5.68 16.80
N PHE D 94 -2.86 -5.41 16.11
CA PHE D 94 -2.87 -4.28 15.19
C PHE D 94 -2.90 -2.97 15.97
N PRO D 95 -2.26 -1.90 15.47
CA PRO D 95 -1.48 -1.83 14.23
C PRO D 95 -0.10 -2.45 14.41
N TRP D 96 0.43 -3.03 13.34
CA TRP D 96 1.82 -3.46 13.40
C TRP D 96 2.69 -2.25 13.69
N THR D 97 3.77 -2.47 14.45
CA THR D 97 4.65 -1.38 14.85
C THR D 97 6.11 -1.82 14.76
N PHE D 98 6.96 -0.87 14.39
CA PHE D 98 8.39 -1.10 14.22
C PHE D 98 9.14 -0.50 15.40
N GLY D 99 10.28 -1.08 15.72
CA GLY D 99 11.24 -0.41 16.57
C GLY D 99 11.86 0.78 15.87
N GLY D 100 12.61 1.56 16.65
CA GLY D 100 13.07 2.84 16.16
C GLY D 100 14.26 2.77 15.22
N GLY D 101 15.09 1.74 15.32
CA GLY D 101 16.32 1.87 14.57
C GLY D 101 17.51 0.97 14.84
N THR D 102 18.40 1.32 15.75
CA THR D 102 19.71 0.64 15.85
C THR D 102 20.47 0.50 14.51
N LYS D 103 21.35 1.46 14.23
CA LYS D 103 22.17 1.43 13.03
C LYS D 103 23.57 1.02 13.42
N LEU D 104 24.18 0.19 12.61
CA LEU D 104 25.50 -0.33 12.94
C LEU D 104 26.59 0.52 12.29
N GLU D 105 27.75 0.49 12.89
CA GLU D 105 28.90 1.23 12.36
C GLU D 105 30.19 0.53 12.81
N ILE D 106 31.23 0.65 11.99
CA ILE D 106 32.53 0.10 12.31
C ILE D 106 33.20 0.91 13.43
N LYS D 107 33.96 0.21 14.25
CA LYS D 107 34.73 0.82 15.34
C LYS D 107 36.07 1.28 14.77
N ARG D 108 36.51 2.48 15.17
CA ARG D 108 37.83 2.93 14.76
C ARG D 108 38.39 3.92 15.79
N ALA D 109 39.62 4.37 15.55
CA ALA D 109 40.27 5.33 16.43
C ALA D 109 39.67 6.72 16.30
N ASP D 110 39.64 7.46 17.41
CA ASP D 110 39.26 8.86 17.40
C ASP D 110 40.14 9.65 16.43
N ALA D 111 39.51 10.45 15.59
CA ALA D 111 40.20 11.34 14.67
C ALA D 111 39.56 12.71 14.76
N ALA D 112 40.37 13.74 14.99
CA ALA D 112 39.80 15.09 15.05
C ALA D 112 39.45 15.63 13.65
N PRO D 113 38.45 16.50 13.55
CA PRO D 113 38.08 16.97 12.21
C PRO D 113 39.20 17.83 11.66
N THR D 114 39.46 17.65 10.36
CA THR D 114 40.29 18.58 9.61
C THR D 114 39.34 19.65 9.10
N VAL D 115 39.49 20.87 9.60
CA VAL D 115 38.52 21.94 9.36
C VAL D 115 39.09 22.94 8.37
N SER D 116 38.37 23.17 7.27
CA SER D 116 38.71 24.18 6.26
C SER D 116 37.56 25.19 6.12
N ILE D 117 37.91 26.47 5.98
CA ILE D 117 36.91 27.51 5.79
C ILE D 117 37.09 28.12 4.41
N PHE D 118 35.97 28.60 3.84
CA PHE D 118 35.91 29.13 2.49
C PHE D 118 35.00 30.35 2.40
N PRO D 119 35.58 31.52 2.11
CA PRO D 119 34.77 32.73 1.87
C PRO D 119 33.99 32.62 0.57
N PRO D 120 33.01 33.50 0.36
CA PRO D 120 32.28 33.52 -0.90
C PRO D 120 33.20 33.58 -2.12
N SER D 121 32.82 32.86 -3.17
CA SER D 121 33.51 33.01 -4.44
C SER D 121 33.19 34.37 -5.05
N SER D 122 33.95 34.72 -6.09
CA SER D 122 33.71 36.00 -6.77
C SER D 122 32.41 35.98 -7.56
N GLU D 123 32.12 34.86 -8.25
CA GLU D 123 30.88 34.74 -9.00
C GLU D 123 29.67 34.96 -8.11
N GLN D 124 29.60 34.20 -7.00
CA GLN D 124 28.46 34.35 -6.11
C GLN D 124 28.32 35.79 -5.65
N LEU D 125 29.44 36.44 -5.34
CA LEU D 125 29.42 37.83 -4.92
C LEU D 125 28.78 38.71 -5.97
N THR D 126 29.20 38.54 -7.23
CA THR D 126 28.62 39.31 -8.32
C THR D 126 27.13 39.04 -8.47
N SER D 127 26.71 37.79 -8.29
CA SER D 127 25.27 37.47 -8.34
C SER D 127 24.49 38.15 -7.22
N GLY D 128 25.15 38.59 -6.16
CA GLY D 128 24.48 39.26 -5.06
C GLY D 128 24.23 38.43 -3.81
N GLY D 129 24.81 37.23 -3.71
CA GLY D 129 24.72 36.41 -2.53
C GLY D 129 26.10 36.08 -1.99
N ALA D 130 26.14 35.56 -0.75
CA ALA D 130 27.41 35.27 -0.12
C ALA D 130 27.25 34.07 0.80
N SER D 131 28.03 33.02 0.52
CA SER D 131 28.02 31.78 1.27
C SER D 131 29.41 31.51 1.84
N VAL D 132 29.49 31.32 3.15
CA VAL D 132 30.70 30.84 3.78
C VAL D 132 30.55 29.34 4.00
N VAL D 133 31.53 28.56 3.55
CA VAL D 133 31.49 27.11 3.62
C VAL D 133 32.56 26.62 4.59
N CYS D 134 32.18 25.71 5.46
CA CYS D 134 33.09 25.12 6.43
C CYS D 134 33.01 23.61 6.26
N PHE D 135 34.13 22.99 5.93
CA PHE D 135 34.25 21.53 5.86
C PHE D 135 34.93 21.02 7.11
N LEU D 136 34.37 19.96 7.67
CA LEU D 136 34.92 19.27 8.84
C LEU D 136 35.05 17.81 8.42
N ASN D 137 36.27 17.40 8.06
CA ASN D 137 36.45 16.14 7.38
C ASN D 137 37.17 15.09 8.23
N ASN D 138 36.75 13.83 8.03
CA ASN D 138 37.40 12.62 8.51
C ASN D 138 37.62 12.64 10.02
N PHE D 139 36.54 12.83 10.75
CA PHE D 139 36.59 12.74 12.20
C PHE D 139 35.92 11.43 12.66
N TYR D 140 36.18 11.07 13.92
CA TYR D 140 35.52 9.97 14.59
C TYR D 140 35.60 10.17 16.09
N PRO D 141 34.52 9.92 16.84
CA PRO D 141 33.21 9.47 16.37
C PRO D 141 32.34 10.58 15.76
N LYS D 142 31.13 10.20 15.35
CA LYS D 142 30.33 10.97 14.42
C LYS D 142 29.65 12.18 15.04
N ASP D 143 29.47 12.22 16.36
CA ASP D 143 28.85 13.35 17.03
C ASP D 143 29.78 14.56 16.95
N ILE D 144 29.25 15.67 16.43
CA ILE D 144 30.02 16.88 16.24
C ILE D 144 29.04 18.03 16.31
N ASN D 145 29.54 19.22 16.59
CA ASN D 145 28.65 20.37 16.55
C ASN D 145 29.37 21.59 15.98
N VAL D 146 28.60 22.44 15.30
CA VAL D 146 29.17 23.57 14.58
C VAL D 146 28.46 24.85 14.99
N LYS D 147 29.24 25.91 15.19
CA LYS D 147 28.76 27.23 15.58
C LYS D 147 29.35 28.23 14.60
N TRP D 148 28.55 29.20 14.19
CA TRP D 148 29.02 30.25 13.30
C TRP D 148 29.04 31.58 14.04
N LYS D 149 30.12 32.32 13.87
CA LYS D 149 30.24 33.64 14.47
C LYS D 149 30.55 34.64 13.36
N ILE D 150 29.77 35.71 13.31
CA ILE D 150 30.08 36.90 12.53
C ILE D 150 30.49 37.99 13.51
N ASP D 151 31.75 38.43 13.44
CA ASP D 151 32.28 39.50 14.28
C ASP D 151 32.10 39.22 15.77
N GLY D 152 32.37 37.96 16.15
CA GLY D 152 32.20 37.50 17.51
C GLY D 152 30.77 37.23 17.91
N SER D 153 29.80 37.56 17.07
CA SER D 153 28.39 37.40 17.40
C SER D 153 27.85 36.12 16.77
N GLU D 154 27.21 35.28 17.60
CA GLU D 154 26.73 33.99 17.12
C GLU D 154 25.62 34.17 16.09
N ARG D 155 25.59 33.26 15.12
CA ARG D 155 24.72 33.36 13.97
C ARG D 155 24.16 31.98 13.66
N GLN D 156 22.85 31.80 13.84
CA GLN D 156 22.22 30.52 13.52
C GLN D 156 21.34 30.57 12.27
N ASN D 157 20.82 31.73 11.89
CA ASN D 157 19.93 31.77 10.74
C ASN D 157 20.72 31.72 9.43
N GLY D 158 20.13 31.04 8.44
CA GLY D 158 20.82 30.88 7.18
C GLY D 158 21.87 29.80 7.16
N VAL D 159 21.81 28.82 8.08
CA VAL D 159 22.85 27.81 8.21
C VAL D 159 22.30 26.46 7.74
N LEU D 160 22.97 25.88 6.73
CA LEU D 160 22.69 24.53 6.22
C LEU D 160 23.80 23.57 6.61
N ASN D 161 23.42 22.36 7.03
CA ASN D 161 24.36 21.34 7.50
C ASN D 161 24.08 20.02 6.81
N SER D 162 25.12 19.33 6.37
CA SER D 162 25.01 18.04 5.71
C SER D 162 26.08 17.09 6.22
N TRP D 163 25.73 15.81 6.37
CA TRP D 163 26.60 14.79 6.98
C TRP D 163 26.74 13.57 6.10
N THR D 164 27.97 13.21 5.76
CA THR D 164 28.13 11.97 5.04
C THR D 164 27.96 10.79 5.97
N ASP D 165 27.68 9.64 5.38
CA ASP D 165 27.74 8.38 6.07
C ASP D 165 29.17 8.05 6.45
N GLN D 166 29.33 7.02 7.27
CA GLN D 166 30.65 6.52 7.57
C GLN D 166 31.37 6.18 6.27
N ASP D 167 32.64 6.55 6.18
CA ASP D 167 33.41 6.23 5.00
C ASP D 167 33.71 4.74 4.95
N SER D 168 33.58 4.15 3.75
CA SER D 168 33.75 2.72 3.60
C SER D 168 35.20 2.28 3.71
N LYS D 169 36.16 3.20 3.57
CA LYS D 169 37.57 2.85 3.61
C LYS D 169 38.20 3.14 4.97
N ASP D 170 38.20 4.41 5.41
CA ASP D 170 38.83 4.78 6.67
C ASP D 170 37.87 4.87 7.85
N SER D 171 36.57 4.60 7.62
CA SER D 171 35.55 4.55 8.66
C SER D 171 35.35 5.89 9.34
N THR D 172 35.72 6.99 8.69
CA THR D 172 35.48 8.28 9.31
C THR D 172 34.15 8.86 8.83
N TYR D 173 33.85 10.01 9.38
CA TYR D 173 32.71 10.81 9.05
C TYR D 173 33.17 12.20 8.63
N SER D 174 32.27 12.94 7.98
CA SER D 174 32.56 14.29 7.54
C SER D 174 31.25 15.08 7.58
N MET D 175 31.40 16.39 7.71
CA MET D 175 30.23 17.25 7.70
C MET D 175 30.56 18.56 7.00
N SER D 176 29.54 19.12 6.35
CA SER D 176 29.65 20.36 5.59
C SER D 176 28.63 21.37 6.14
N SER D 177 29.05 22.61 6.36
CA SER D 177 28.17 23.65 6.88
C SER D 177 28.28 24.93 6.06
N THR D 178 27.15 25.44 5.60
CA THR D 178 27.16 26.65 4.79
C THR D 178 26.31 27.72 5.46
N LEU D 179 26.93 28.88 5.68
CA LEU D 179 26.26 30.05 6.21
C LEU D 179 25.94 30.96 5.03
N THR D 180 24.65 31.23 4.80
CA THR D 180 24.27 32.03 3.65
C THR D 180 23.62 33.33 4.06
N LEU D 181 24.04 34.42 3.41
CA LEU D 181 23.46 35.73 3.66
C LEU D 181 23.69 36.60 2.42
N THR D 182 23.14 37.82 2.44
CA THR D 182 23.19 38.67 1.26
C THR D 182 24.61 39.17 1.03
N LYS D 183 24.86 39.69 -0.19
CA LYS D 183 26.14 40.37 -0.42
C LYS D 183 26.27 41.62 0.45
N ASP D 184 25.15 42.25 0.81
CA ASP D 184 25.23 43.49 1.58
C ASP D 184 25.68 43.21 3.01
N GLU D 185 24.95 42.34 3.71
CA GLU D 185 25.39 41.97 5.05
C GLU D 185 26.81 41.46 5.03
N TYR D 186 27.11 40.55 4.09
CA TYR D 186 28.44 39.96 4.06
C TYR D 186 29.51 41.05 3.96
N GLU D 187 29.29 42.02 3.05
CA GLU D 187 30.31 43.03 2.85
C GLU D 187 30.35 44.09 3.93
N ARG D 188 29.41 44.09 4.89
CA ARG D 188 29.60 44.98 6.04
C ARG D 188 30.03 44.27 7.34
N HIS D 189 30.80 43.15 7.27
CA HIS D 189 31.11 42.48 8.54
C HIS D 189 32.55 41.98 8.75
N ASN D 190 33.33 41.65 7.73
CA ASN D 190 34.77 41.35 7.91
C ASN D 190 35.16 40.04 8.62
N SER D 191 34.68 39.74 9.83
CA SER D 191 35.23 38.62 10.62
C SER D 191 34.26 37.43 10.67
N TYR D 192 34.69 36.26 10.17
CA TYR D 192 33.82 35.09 10.06
C TYR D 192 34.51 33.83 10.57
N THR D 193 33.81 33.08 11.44
CA THR D 193 34.39 31.93 12.13
C THR D 193 33.42 30.76 12.17
N CYS D 194 33.93 29.56 11.96
CA CYS D 194 33.18 28.35 12.29
C CYS D 194 33.94 27.58 13.36
N GLU D 195 33.19 27.15 14.39
CA GLU D 195 33.72 26.47 15.56
C GLU D 195 33.15 25.08 15.63
N ALA D 196 34.02 24.08 15.67
CA ALA D 196 33.64 22.67 15.80
C ALA D 196 33.86 22.22 17.25
N THR D 197 32.88 21.53 17.79
CA THR D 197 32.97 20.85 19.07
C THR D 197 32.92 19.35 18.80
N HIS D 198 33.80 18.61 19.46
CA HIS D 198 34.02 17.20 19.21
C HIS D 198 34.84 16.63 20.36
N LYS D 199 34.66 15.33 20.62
CA LYS D 199 35.26 14.73 21.81
C LYS D 199 36.78 14.78 21.80
N THR D 200 37.40 15.11 20.67
CA THR D 200 38.86 15.04 20.58
C THR D 200 39.57 16.26 21.12
N SER D 201 38.86 17.28 21.60
CA SER D 201 39.51 18.40 22.24
C SER D 201 38.53 19.08 23.19
N THR D 202 39.05 19.49 24.36
CA THR D 202 38.18 20.14 25.33
C THR D 202 37.78 21.55 24.89
N SER D 203 38.54 22.18 24.03
CA SER D 203 38.20 23.46 23.45
C SER D 203 37.74 23.25 22.02
N PRO D 204 36.96 24.16 21.45
CA PRO D 204 36.49 23.94 20.08
C PRO D 204 37.60 24.21 19.09
N ILE D 205 37.53 23.50 17.97
CA ILE D 205 38.44 23.77 16.86
C ILE D 205 37.88 24.96 16.09
N VAL D 206 38.72 25.98 15.90
CA VAL D 206 38.30 27.27 15.36
C VAL D 206 38.90 27.44 13.97
N LYS D 207 38.10 27.91 13.01
CA LYS D 207 38.67 28.40 11.75
C LYS D 207 38.01 29.71 11.36
N SER D 208 38.82 30.71 11.06
CA SER D 208 38.26 32.04 10.90
C SER D 208 38.96 32.74 9.74
N PHE D 209 38.43 33.91 9.38
CA PHE D 209 39.10 34.79 8.43
C PHE D 209 38.52 36.20 8.56
N ASN D 210 39.31 37.17 8.10
CA ASN D 210 38.84 38.55 7.92
C ASN D 210 38.71 38.86 6.44
N ARG D 211 37.58 39.43 6.07
CA ARG D 211 37.25 39.68 4.66
C ARG D 211 38.18 40.73 4.06
N ASN D 212 38.70 41.64 4.87
CA ASN D 212 39.53 42.71 4.36
C ASN D 212 41.03 42.36 4.33
N GLU D 213 41.36 41.08 4.26
CA GLU D 213 42.77 40.67 4.12
C GLU D 213 42.91 39.27 3.54
N ALA E 1 -31.43 7.08 -4.42
CA ALA E 1 -32.18 7.58 -5.59
C ALA E 1 -31.43 7.29 -6.87
N SER E 2 -32.10 6.62 -7.79
CA SER E 2 -31.43 6.14 -8.99
C SER E 2 -31.39 7.22 -10.07
N ASN E 3 -30.48 7.02 -11.03
CA ASN E 3 -30.35 7.92 -12.18
C ASN E 3 -31.07 7.30 -13.37
N GLU E 4 -31.77 8.13 -14.14
CA GLU E 4 -32.38 7.68 -15.38
C GLU E 4 -31.43 7.96 -16.53
N ASN E 5 -30.94 6.89 -17.17
CA ASN E 5 -30.03 7.06 -18.28
C ASN E 5 -30.71 7.78 -19.45
N MET E 6 -29.90 8.55 -20.19
CA MET E 6 -30.30 9.34 -21.33
C MET E 6 -29.97 8.61 -22.64
N GLU E 7 -28.89 9.00 -23.31
CA GLU E 7 -28.63 8.41 -24.61
C GLU E 7 -28.30 6.93 -24.49
N THR E 8 -28.80 6.12 -25.43
CA THR E 8 -28.59 4.67 -25.29
C THR E 8 -27.19 4.28 -25.77
N MET E 9 -26.90 2.98 -25.71
CA MET E 9 -25.65 2.49 -26.27
C MET E 9 -25.83 2.21 -27.75
#